data_4TOT
#
_entry.id   4TOT
#
_cell.length_a   50.197
_cell.length_b   57.286
_cell.length_c   75.274
_cell.angle_alpha   89.95
_cell.angle_beta   83.81
_cell.angle_gamma   89.86
#
_symmetry.space_group_name_H-M   'P 1'
#
loop_
_entity.id
_entity.type
_entity.pdbx_description
1 polymer 'Peptidyl-prolyl cis-trans isomerase F, mitochondrial'
2 polymer 'nonimmunosuppressive inhibitor'
3 non-polymer 'HEXAETHYLENE GLYCOL'
4 non-polymer 'SULFATE ION'
5 water water
#
loop_
_entity_poly.entity_id
_entity_poly.type
_entity_poly.pdbx_seq_one_letter_code
_entity_poly.pdbx_strand_id
1 'polypeptide(L)'
;AQNPLVYLDVGADGQPLGRVVLELKADVVPKTAENFRALCTGEKGFGYKGSTFHRVIPAFMCQAGDFTNHNGTGGKSIYG
SRFPDENFTLKHVGPGVLSMANAGPNTNGSQFFICTIKTDWLDGKHVVFGHVIEGMDVVKKIESFGSKSGKTSKKIVITD
CGQLS
;
A,B,C,D
2 'polypeptide(L)' (DAL)(MLE)(MLE)(MVA)(BMT)(ABA)(33X)(34E)V(MLE)A E,F,G,H
#
# COMPACT_ATOMS: atom_id res chain seq x y z
N GLN A 2 -4.70 6.56 -8.42
CA GLN A 2 -5.78 7.20 -7.66
C GLN A 2 -6.04 8.60 -8.21
N ASN A 3 -7.33 9.00 -8.28
CA ASN A 3 -7.75 10.31 -8.77
C ASN A 3 -7.28 11.37 -7.78
N PRO A 4 -6.58 12.44 -8.22
CA PRO A 4 -6.09 13.43 -7.26
C PRO A 4 -7.16 14.15 -6.46
N LEU A 5 -6.82 14.44 -5.20
CA LEU A 5 -7.67 15.19 -4.28
CA LEU A 5 -7.67 15.21 -4.29
C LEU A 5 -6.95 16.50 -4.02
N VAL A 6 -7.53 17.61 -4.47
CA VAL A 6 -6.95 18.94 -4.35
C VAL A 6 -7.82 19.87 -3.51
N TYR A 7 -7.24 21.00 -3.07
CA TYR A 7 -7.94 21.97 -2.27
C TYR A 7 -7.76 23.41 -2.74
N LEU A 8 -8.79 24.23 -2.50
CA LEU A 8 -8.81 25.65 -2.74
C LEU A 8 -9.25 26.30 -1.44
N ASP A 9 -8.41 27.16 -0.86
CA ASP A 9 -8.74 27.94 0.33
C ASP A 9 -9.12 29.28 -0.20
N VAL A 10 -10.38 29.68 0.02
CA VAL A 10 -10.95 30.90 -0.53
C VAL A 10 -11.31 31.91 0.55
N GLY A 11 -10.98 33.17 0.28
CA GLY A 11 -11.29 34.32 1.13
C GLY A 11 -12.05 35.40 0.39
N ALA A 12 -12.87 36.20 1.12
CA ALA A 12 -13.66 37.31 0.59
C ALA A 12 -13.32 38.57 1.35
N ASP A 13 -12.68 39.54 0.66
CA ASP A 13 -12.20 40.83 1.23
C ASP A 13 -11.25 40.60 2.43
N GLY A 14 -10.38 39.60 2.28
CA GLY A 14 -9.38 39.22 3.27
C GLY A 14 -9.91 38.40 4.44
N GLN A 15 -11.18 37.97 4.37
CA GLN A 15 -11.85 37.17 5.41
C GLN A 15 -12.04 35.74 4.88
N PRO A 16 -11.57 34.70 5.60
CA PRO A 16 -11.72 33.32 5.08
C PRO A 16 -13.16 32.79 4.96
N LEU A 17 -13.43 32.09 3.85
CA LEU A 17 -14.74 31.46 3.56
C LEU A 17 -14.67 29.96 3.85
N GLY A 18 -13.46 29.40 3.83
CA GLY A 18 -13.20 27.99 4.08
C GLY A 18 -12.44 27.31 2.97
N ARG A 19 -12.57 25.97 2.90
CA ARG A 19 -11.90 25.12 1.92
C ARG A 19 -12.85 24.36 1.00
N VAL A 20 -12.52 24.37 -0.30
CA VAL A 20 -13.20 23.61 -1.35
C VAL A 20 -12.26 22.43 -1.72
N VAL A 21 -12.71 21.21 -1.44
CA VAL A 21 -11.96 20.00 -1.80
C VAL A 21 -12.55 19.50 -3.13
N LEU A 22 -11.67 19.18 -4.07
CA LEU A 22 -12.10 18.73 -5.39
C LEU A 22 -11.41 17.44 -5.77
N GLU A 23 -12.16 16.53 -6.39
CA GLU A 23 -11.63 15.28 -6.91
C GLU A 23 -11.45 15.52 -8.39
N LEU A 24 -10.26 15.19 -8.91
CA LEU A 24 -9.95 15.36 -10.33
C LEU A 24 -10.02 14.00 -11.00
N LYS A 25 -10.94 13.84 -11.96
CA LYS A 25 -11.15 12.58 -12.68
C LYS A 25 -10.02 12.27 -13.67
N ALA A 26 -8.86 11.87 -13.13
CA ALA A 26 -7.68 11.49 -13.92
C ALA A 26 -7.92 10.18 -14.68
N ASP A 27 -8.92 9.40 -14.22
CA ASP A 27 -9.33 8.12 -14.80
C ASP A 27 -10.12 8.30 -16.11
N VAL A 28 -10.69 9.50 -16.33
CA VAL A 28 -11.47 9.85 -17.52
C VAL A 28 -10.68 10.84 -18.37
N VAL A 29 -10.25 11.96 -17.74
CA VAL A 29 -9.51 13.05 -18.39
C VAL A 29 -8.13 13.26 -17.74
N PRO A 30 -7.13 12.36 -17.98
CA PRO A 30 -5.82 12.52 -17.31
C PRO A 30 -5.09 13.85 -17.54
N LYS A 31 -4.99 14.30 -18.79
CA LYS A 31 -4.32 15.53 -19.21
C LYS A 31 -4.94 16.80 -18.63
N THR A 32 -6.28 16.82 -18.53
CA THR A 32 -7.05 17.94 -17.98
C THR A 32 -6.88 17.96 -16.44
N ALA A 33 -6.98 16.76 -15.81
CA ALA A 33 -6.78 16.60 -14.37
C ALA A 33 -5.35 17.00 -13.94
N GLU A 34 -4.34 16.57 -14.71
CA GLU A 34 -2.93 16.88 -14.43
C GLU A 34 -2.61 18.38 -14.51
N ASN A 35 -3.22 19.07 -15.48
CA ASN A 35 -3.06 20.51 -15.62
C ASN A 35 -3.56 21.24 -14.37
N PHE A 36 -4.78 20.94 -13.92
CA PHE A 36 -5.39 21.55 -12.75
C PHE A 36 -4.65 21.20 -11.44
N ARG A 37 -4.21 19.93 -11.30
CA ARG A 37 -3.48 19.44 -10.13
C ARG A 37 -2.14 20.15 -9.97
N ALA A 38 -1.40 20.34 -11.09
CA ALA A 38 -0.10 21.01 -11.06
C ALA A 38 -0.22 22.50 -10.76
N LEU A 39 -1.33 23.13 -11.19
CA LEU A 39 -1.60 24.55 -10.93
C LEU A 39 -2.00 24.79 -9.46
N CYS A 40 -2.55 23.76 -8.79
CA CYS A 40 -2.91 23.81 -7.38
C CYS A 40 -1.64 23.74 -6.50
N THR A 41 -0.68 22.89 -6.89
CA THR A 41 0.58 22.73 -6.15
C THR A 41 1.58 23.85 -6.46
N GLY A 42 1.59 24.32 -7.72
CA GLY A 42 2.47 25.37 -8.21
C GLY A 42 3.87 24.88 -8.54
N GLU A 43 4.00 23.54 -8.70
CA GLU A 43 5.25 22.83 -8.98
C GLU A 43 5.94 23.25 -10.27
N LYS A 44 5.18 23.74 -11.27
CA LYS A 44 5.74 24.22 -12.54
C LYS A 44 6.26 25.67 -12.45
N GLY A 45 6.11 26.29 -11.28
CA GLY A 45 6.58 27.64 -11.00
C GLY A 45 5.51 28.73 -11.08
N PHE A 46 4.27 28.32 -11.38
CA PHE A 46 3.09 29.18 -11.52
C PHE A 46 1.83 28.43 -11.12
N GLY A 47 0.74 29.15 -10.90
CA GLY A 47 -0.52 28.54 -10.51
C GLY A 47 -1.53 29.45 -9.86
N TYR A 48 -2.59 28.83 -9.30
CA TYR A 48 -3.74 29.47 -8.70
C TYR A 48 -3.50 30.25 -7.38
N LYS A 49 -2.39 29.99 -6.66
CA LYS A 49 -2.14 30.68 -5.39
C LYS A 49 -2.04 32.20 -5.57
N GLY A 50 -2.94 32.90 -4.88
CA GLY A 50 -3.02 34.36 -4.94
C GLY A 50 -3.91 34.89 -6.04
N SER A 51 -4.52 33.99 -6.84
CA SER A 51 -5.42 34.38 -7.92
C SER A 51 -6.87 34.49 -7.40
N THR A 52 -7.82 34.94 -8.25
CA THR A 52 -9.20 35.26 -7.88
C THR A 52 -10.29 34.52 -8.68
N PHE A 53 -11.56 34.62 -8.18
CA PHE A 53 -12.79 34.19 -8.85
C PHE A 53 -13.30 35.50 -9.42
N HIS A 54 -12.93 35.80 -10.68
CA HIS A 54 -13.22 37.07 -11.36
C HIS A 54 -14.67 37.25 -11.86
N ARG A 55 -15.36 36.15 -12.19
CA ARG A 55 -16.74 36.16 -12.71
C ARG A 55 -17.56 35.14 -11.92
N VAL A 56 -18.58 35.63 -11.19
CA VAL A 56 -19.45 34.78 -10.37
C VAL A 56 -20.91 35.15 -10.67
N ILE A 57 -21.69 34.20 -11.22
CA ILE A 57 -23.10 34.44 -11.55
C ILE A 57 -24.01 33.55 -10.70
N PRO A 58 -24.82 34.13 -9.78
CA PRO A 58 -25.71 33.30 -8.94
C PRO A 58 -26.67 32.46 -9.77
N ALA A 59 -26.93 31.22 -9.29
CA ALA A 59 -27.77 30.19 -9.92
C ALA A 59 -27.19 29.70 -11.27
N PHE A 60 -25.85 29.75 -11.41
CA PHE A 60 -25.14 29.34 -12.63
C PHE A 60 -23.76 28.71 -12.31
N MET A 61 -22.74 29.54 -11.97
CA MET A 61 -21.36 29.10 -11.74
C MET A 61 -20.48 30.19 -11.12
N CYS A 62 -19.28 29.79 -10.64
CA CYS A 62 -18.23 30.66 -10.12
C CYS A 62 -17.01 30.33 -11.00
N GLN A 63 -16.43 31.34 -11.65
CA GLN A 63 -15.31 31.21 -12.60
C GLN A 63 -14.01 31.84 -12.08
N ALA A 64 -12.89 31.09 -12.22
CA ALA A 64 -11.56 31.46 -11.77
C ALA A 64 -10.49 30.88 -12.73
N GLY A 65 -9.22 30.92 -12.33
CA GLY A 65 -8.12 30.38 -13.12
C GLY A 65 -7.19 31.38 -13.76
N ASP A 66 -7.62 32.65 -13.89
CA ASP A 66 -6.78 33.67 -14.50
C ASP A 66 -5.74 34.18 -13.49
N PHE A 67 -4.60 33.49 -13.42
CA PHE A 67 -3.52 33.84 -12.51
C PHE A 67 -2.53 34.81 -13.17
N THR A 68 -2.68 35.08 -14.48
CA THR A 68 -1.79 35.98 -15.22
C THR A 68 -2.30 37.42 -15.27
N ASN A 69 -3.60 37.62 -15.59
CA ASN A 69 -4.18 38.97 -15.74
C ASN A 69 -5.32 39.28 -14.75
N HIS A 70 -5.93 38.24 -14.14
CA HIS A 70 -7.01 38.34 -13.14
C HIS A 70 -8.33 38.98 -13.65
N ASN A 71 -8.67 38.82 -14.96
CA ASN A 71 -9.90 39.43 -15.54
C ASN A 71 -10.56 38.59 -16.67
N GLY A 72 -10.08 37.36 -16.86
CA GLY A 72 -10.59 36.46 -17.88
C GLY A 72 -9.83 36.49 -19.19
N THR A 73 -8.98 37.52 -19.38
CA THR A 73 -8.19 37.66 -20.61
C THR A 73 -6.95 36.77 -20.63
N GLY A 74 -6.52 36.29 -19.46
CA GLY A 74 -5.30 35.49 -19.37
C GLY A 74 -5.42 34.08 -18.85
N GLY A 75 -4.31 33.63 -18.28
CA GLY A 75 -4.12 32.28 -17.76
C GLY A 75 -3.38 31.45 -18.79
N LYS A 76 -2.72 30.38 -18.34
CA LYS A 76 -1.96 29.46 -19.19
C LYS A 76 -1.92 28.07 -18.57
N SER A 77 -1.77 27.04 -19.40
CA SER A 77 -1.68 25.65 -18.97
C SER A 77 -0.23 25.27 -18.64
N ILE A 78 -0.03 24.06 -18.09
CA ILE A 78 1.29 23.53 -17.72
C ILE A 78 2.05 23.00 -18.95
N TYR A 79 1.33 22.85 -20.08
CA TYR A 79 1.83 22.33 -21.37
C TYR A 79 2.28 23.42 -22.33
N GLY A 80 1.64 24.58 -22.20
CA GLY A 80 1.85 25.77 -23.00
C GLY A 80 0.70 26.73 -22.79
N SER A 81 0.49 27.67 -23.74
CA SER A 81 -0.58 28.66 -23.63
CA SER A 81 -0.58 28.66 -23.67
C SER A 81 -1.96 27.97 -23.61
N ARG A 82 -2.22 27.09 -24.59
CA ARG A 82 -3.48 26.36 -24.71
C ARG A 82 -3.29 24.86 -24.99
N PHE A 83 -4.31 24.03 -24.65
CA PHE A 83 -4.27 22.58 -24.89
C PHE A 83 -5.61 22.05 -25.42
N PRO A 84 -5.64 20.94 -26.21
CA PRO A 84 -6.91 20.45 -26.78
C PRO A 84 -7.93 19.93 -25.79
N ASP A 85 -9.20 19.84 -26.26
CA ASP A 85 -10.32 19.29 -25.51
C ASP A 85 -10.08 17.78 -25.47
N GLU A 86 -9.84 17.23 -24.27
CA GLU A 86 -9.49 15.81 -24.10
C GLU A 86 -10.60 14.88 -24.58
N ASN A 87 -11.83 15.13 -24.06
CA ASN A 87 -13.07 14.44 -24.36
C ASN A 87 -14.21 15.15 -23.63
N PHE A 88 -15.45 14.78 -23.98
CA PHE A 88 -16.66 15.31 -23.37
C PHE A 88 -17.45 14.18 -22.72
N THR A 89 -16.74 13.15 -22.20
CA THR A 89 -17.33 11.98 -21.56
C THR A 89 -18.15 12.38 -20.34
N LEU A 90 -17.59 13.25 -19.49
CA LEU A 90 -18.25 13.74 -18.27
C LEU A 90 -19.18 14.91 -18.61
N LYS A 91 -20.41 14.87 -18.08
CA LYS A 91 -21.44 15.89 -18.33
C LYS A 91 -21.63 16.82 -17.14
N HIS A 92 -22.21 18.02 -17.40
CA HIS A 92 -22.55 19.05 -16.43
C HIS A 92 -23.91 18.64 -15.83
N VAL A 93 -23.89 17.56 -15.02
CA VAL A 93 -25.02 16.87 -14.40
C VAL A 93 -25.69 17.65 -13.23
N GLY A 94 -24.97 18.57 -12.59
CA GLY A 94 -25.55 19.32 -11.49
C GLY A 94 -24.59 20.24 -10.74
N PRO A 95 -25.04 20.79 -9.57
CA PRO A 95 -24.15 21.67 -8.77
C PRO A 95 -22.94 20.92 -8.22
N GLY A 96 -21.77 21.55 -8.29
CA GLY A 96 -20.53 20.95 -7.81
C GLY A 96 -19.64 20.43 -8.92
N VAL A 97 -20.11 20.52 -10.17
CA VAL A 97 -19.38 20.08 -11.35
C VAL A 97 -18.17 21.01 -11.59
N LEU A 98 -17.00 20.42 -11.83
CA LEU A 98 -15.77 21.14 -12.12
C LEU A 98 -15.48 20.97 -13.65
N SER A 99 -15.47 22.10 -14.37
CA SER A 99 -15.34 22.12 -15.81
C SER A 99 -14.46 23.27 -16.30
N MET A 100 -13.84 23.08 -17.46
CA MET A 100 -12.94 24.04 -18.08
C MET A 100 -13.67 25.12 -18.85
N ALA A 101 -13.30 26.38 -18.58
CA ALA A 101 -13.74 27.56 -19.31
C ALA A 101 -12.88 27.58 -20.57
N ASN A 102 -13.33 28.23 -21.67
CA ASN A 102 -12.55 28.26 -22.91
C ASN A 102 -12.92 29.42 -23.81
N ALA A 103 -12.25 29.57 -24.97
CA ALA A 103 -12.60 30.58 -25.95
C ALA A 103 -12.90 29.86 -27.28
N GLY A 104 -13.67 28.77 -27.17
CA GLY A 104 -14.05 27.92 -28.29
C GLY A 104 -13.35 26.57 -28.29
N PRO A 105 -13.51 25.75 -29.37
CA PRO A 105 -12.87 24.41 -29.38
C PRO A 105 -11.34 24.44 -29.27
N ASN A 106 -10.79 23.52 -28.44
CA ASN A 106 -9.37 23.29 -28.19
C ASN A 106 -8.60 24.53 -27.72
N THR A 107 -9.18 25.31 -26.80
CA THR A 107 -8.56 26.54 -26.26
C THR A 107 -8.56 26.48 -24.74
N ASN A 108 -8.19 25.34 -24.17
CA ASN A 108 -8.12 25.17 -22.73
C ASN A 108 -6.81 25.75 -22.24
N GLY A 109 -6.86 26.52 -21.15
CA GLY A 109 -5.68 27.12 -20.52
C GLY A 109 -5.63 26.72 -19.07
N SER A 110 -6.02 27.67 -18.19
CA SER A 110 -6.10 27.45 -16.74
C SER A 110 -7.45 27.84 -16.14
N GLN A 111 -8.30 28.54 -16.91
CA GLN A 111 -9.60 28.99 -16.42
C GLN A 111 -10.60 27.86 -16.33
N PHE A 112 -11.24 27.78 -15.18
CA PHE A 112 -12.19 26.73 -14.85
C PHE A 112 -13.40 27.38 -14.21
N PHE A 113 -14.41 26.56 -13.94
CA PHE A 113 -15.61 26.96 -13.22
C PHE A 113 -16.14 25.85 -12.37
N ILE A 114 -16.75 26.21 -11.24
CA ILE A 114 -17.47 25.29 -10.35
C ILE A 114 -18.96 25.67 -10.49
N CYS A 115 -19.78 24.74 -11.01
CA CYS A 115 -21.21 24.94 -11.18
C CYS A 115 -21.97 25.06 -9.85
N THR A 116 -23.07 25.82 -9.88
CA THR A 116 -24.00 25.98 -8.76
C THR A 116 -25.40 25.53 -9.22
N ILE A 117 -25.47 24.91 -10.42
CA ILE A 117 -26.68 24.36 -11.08
C ILE A 117 -26.26 23.38 -12.19
N LYS A 118 -27.21 22.55 -12.69
CA LYS A 118 -27.00 21.63 -13.81
C LYS A 118 -26.82 22.50 -15.07
N THR A 119 -25.59 22.62 -15.58
CA THR A 119 -25.32 23.46 -16.76
C THR A 119 -25.24 22.60 -18.03
N ASP A 120 -26.25 21.72 -18.25
CA ASP A 120 -26.30 20.75 -19.36
C ASP A 120 -26.28 21.39 -20.77
N TRP A 121 -26.55 22.70 -20.91
CA TRP A 121 -26.44 23.40 -22.20
C TRP A 121 -24.95 23.55 -22.60
N LEU A 122 -24.02 23.25 -21.66
CA LEU A 122 -22.56 23.33 -21.88
C LEU A 122 -21.93 21.99 -22.29
N ASP A 123 -22.71 20.89 -22.22
CA ASP A 123 -22.26 19.54 -22.59
C ASP A 123 -21.79 19.48 -24.04
N GLY A 124 -20.60 18.94 -24.25
CA GLY A 124 -19.98 18.81 -25.56
C GLY A 124 -19.18 20.01 -26.00
N LYS A 125 -19.21 21.10 -25.22
CA LYS A 125 -18.48 22.35 -25.49
C LYS A 125 -17.39 22.61 -24.43
N HIS A 126 -17.64 22.21 -23.18
CA HIS A 126 -16.70 22.37 -22.07
C HIS A 126 -16.31 21.03 -21.47
N VAL A 127 -15.03 20.88 -21.11
CA VAL A 127 -14.48 19.64 -20.55
C VAL A 127 -14.67 19.60 -19.02
N VAL A 128 -15.55 18.71 -18.55
CA VAL A 128 -15.80 18.44 -17.14
C VAL A 128 -14.65 17.52 -16.70
N PHE A 129 -13.93 17.87 -15.62
CA PHE A 129 -12.78 17.09 -15.17
C PHE A 129 -12.77 16.75 -13.69
N GLY A 130 -13.86 17.06 -13.00
CA GLY A 130 -13.98 16.78 -11.58
C GLY A 130 -15.26 17.26 -10.94
N HIS A 131 -15.29 17.22 -9.60
CA HIS A 131 -16.43 17.64 -8.80
C HIS A 131 -16.03 17.95 -7.37
N VAL A 132 -16.87 18.72 -6.67
CA VAL A 132 -16.69 19.12 -5.28
C VAL A 132 -16.92 17.89 -4.38
N ILE A 133 -15.91 17.57 -3.56
CA ILE A 133 -15.93 16.48 -2.58
C ILE A 133 -16.47 17.05 -1.27
N GLU A 134 -15.97 18.25 -0.92
CA GLU A 134 -16.26 18.95 0.32
C GLU A 134 -16.15 20.44 0.08
N GLY A 135 -16.95 21.21 0.83
CA GLY A 135 -16.94 22.67 0.76
C GLY A 135 -17.88 23.28 -0.26
N MET A 136 -19.05 22.63 -0.51
CA MET A 136 -20.08 23.15 -1.40
C MET A 136 -20.72 24.37 -0.72
N ASP A 137 -20.71 24.40 0.63
CA ASP A 137 -21.18 25.52 1.46
C ASP A 137 -20.28 26.73 1.23
N VAL A 138 -18.99 26.48 0.95
CA VAL A 138 -17.97 27.50 0.64
C VAL A 138 -18.22 28.02 -0.79
N VAL A 139 -18.61 27.12 -1.73
CA VAL A 139 -18.96 27.47 -3.12
C VAL A 139 -20.21 28.37 -3.11
N LYS A 140 -21.20 28.05 -2.26
CA LYS A 140 -22.44 28.83 -2.10
C LYS A 140 -22.15 30.21 -1.52
N LYS A 141 -21.09 30.33 -0.67
CA LYS A 141 -20.62 31.60 -0.10
C LYS A 141 -20.03 32.44 -1.23
N ILE A 142 -19.18 31.85 -2.10
CA ILE A 142 -18.60 32.53 -3.28
C ILE A 142 -19.74 33.03 -4.18
N GLU A 143 -20.75 32.17 -4.43
CA GLU A 143 -21.94 32.46 -5.23
C GLU A 143 -22.72 33.68 -4.72
N SER A 144 -22.85 33.83 -3.39
CA SER A 144 -23.55 34.96 -2.76
C SER A 144 -22.87 36.32 -3.00
N PHE A 145 -21.59 36.30 -3.40
CA PHE A 145 -20.83 37.52 -3.71
C PHE A 145 -20.83 37.85 -5.20
N GLY A 146 -21.60 37.09 -5.97
CA GLY A 146 -21.74 37.30 -7.40
C GLY A 146 -22.92 38.18 -7.74
N SER A 147 -23.13 38.40 -9.04
CA SER A 147 -24.22 39.22 -9.58
C SER A 147 -24.56 38.71 -10.99
N LYS A 148 -25.68 39.21 -11.56
CA LYS A 148 -26.19 38.85 -12.90
C LYS A 148 -25.17 39.13 -14.02
N SER A 149 -24.33 40.16 -13.84
CA SER A 149 -23.29 40.57 -14.79
C SER A 149 -22.02 39.73 -14.65
N GLY A 150 -21.82 39.14 -13.46
CA GLY A 150 -20.64 38.35 -13.14
C GLY A 150 -19.72 39.03 -12.15
N LYS A 151 -19.80 40.38 -12.10
CA LYS A 151 -19.04 41.26 -11.22
C LYS A 151 -19.21 40.82 -9.77
N THR A 152 -18.09 40.73 -9.03
CA THR A 152 -18.14 40.30 -7.63
C THR A 152 -18.23 41.49 -6.68
N SER A 153 -19.08 41.36 -5.65
CA SER A 153 -19.32 42.38 -4.62
C SER A 153 -18.17 42.45 -3.61
N LYS A 154 -17.30 41.42 -3.59
CA LYS A 154 -16.12 41.30 -2.73
C LYS A 154 -14.97 40.65 -3.51
N LYS A 155 -13.72 40.97 -3.17
CA LYS A 155 -12.57 40.35 -3.82
C LYS A 155 -12.47 38.90 -3.33
N ILE A 156 -12.77 37.93 -4.23
CA ILE A 156 -12.74 36.49 -3.92
C ILE A 156 -11.36 35.95 -4.31
N VAL A 157 -10.48 35.72 -3.31
CA VAL A 157 -9.10 35.28 -3.54
C VAL A 157 -8.84 33.82 -3.10
N ILE A 158 -8.08 33.06 -3.93
CA ILE A 158 -7.59 31.72 -3.60
C ILE A 158 -6.27 31.96 -2.84
N THR A 159 -6.37 32.05 -1.50
CA THR A 159 -5.28 32.37 -0.57
C THR A 159 -4.23 31.27 -0.49
N ASP A 160 -4.66 30.02 -0.67
CA ASP A 160 -3.83 28.83 -0.68
C ASP A 160 -4.54 27.73 -1.45
N CYS A 161 -3.75 26.84 -2.06
CA CYS A 161 -4.23 25.70 -2.83
C CYS A 161 -3.12 24.64 -2.87
N GLY A 162 -3.50 23.40 -3.10
CA GLY A 162 -2.55 22.30 -3.17
C GLY A 162 -3.20 20.94 -3.32
N GLN A 163 -2.41 19.88 -3.09
CA GLN A 163 -2.87 18.50 -3.23
C GLN A 163 -2.85 17.78 -1.90
N LEU A 164 -3.96 17.09 -1.60
CA LEU A 164 -4.14 16.32 -0.37
C LEU A 164 -3.69 14.87 -0.53
N SER A 165 -3.87 14.29 -1.75
CA SER A 165 -3.56 12.91 -2.11
C SER A 165 -3.73 12.66 -3.62
N GLN B 2 -28.86 13.82 16.85
CA GLN B 2 -28.52 12.56 17.51
C GLN B 2 -27.54 11.77 16.66
N ASN B 3 -26.54 11.12 17.32
CA ASN B 3 -25.52 10.31 16.66
C ASN B 3 -26.18 9.08 16.05
N PRO B 4 -25.98 8.79 14.74
CA PRO B 4 -26.67 7.63 14.15
C PRO B 4 -26.32 6.29 14.77
N LEU B 5 -27.34 5.43 14.81
CA LEU B 5 -27.24 4.05 15.31
CA LEU B 5 -27.22 4.05 15.29
C LEU B 5 -27.46 3.16 14.09
N VAL B 6 -26.42 2.43 13.68
CA VAL B 6 -26.46 1.57 12.52
C VAL B 6 -26.22 0.10 12.89
N TYR B 7 -26.53 -0.81 11.95
CA TYR B 7 -26.36 -2.24 12.16
C TYR B 7 -25.70 -2.95 11.00
N LEU B 8 -24.96 -4.02 11.32
CA LEU B 8 -24.32 -4.92 10.39
C LEU B 8 -24.76 -6.32 10.80
N ASP B 9 -25.43 -7.04 9.89
CA ASP B 9 -25.83 -8.43 10.09
C ASP B 9 -24.78 -9.22 9.35
N VAL B 10 -24.03 -10.04 10.10
CA VAL B 10 -22.89 -10.78 9.56
C VAL B 10 -23.12 -12.29 9.61
N GLY B 11 -22.72 -12.95 8.53
CA GLY B 11 -22.77 -14.40 8.36
C GLY B 11 -21.43 -14.99 7.98
N ALA B 12 -21.19 -16.27 8.35
CA ALA B 12 -19.96 -16.99 8.06
C ALA B 12 -20.33 -18.29 7.33
N ASP B 13 -19.93 -18.39 6.04
CA ASP B 13 -20.23 -19.53 5.15
C ASP B 13 -21.73 -19.80 5.05
N GLY B 14 -22.50 -18.71 4.96
CA GLY B 14 -23.95 -18.72 4.85
C GLY B 14 -24.71 -18.98 6.13
N GLN B 15 -24.00 -19.00 7.28
CA GLN B 15 -24.57 -19.24 8.60
C GLN B 15 -24.54 -17.93 9.41
N PRO B 16 -25.68 -17.44 9.94
CA PRO B 16 -25.65 -16.16 10.69
C PRO B 16 -24.83 -16.15 11.98
N LEU B 17 -24.08 -15.05 12.20
CA LEU B 17 -23.26 -14.84 13.41
C LEU B 17 -23.98 -13.89 14.37
N GLY B 18 -24.89 -13.08 13.83
CA GLY B 18 -25.68 -12.11 14.58
C GLY B 18 -25.58 -10.70 14.05
N ARG B 19 -25.87 -9.72 14.93
CA ARG B 19 -25.86 -8.30 14.62
C ARG B 19 -24.85 -7.48 15.42
N VAL B 20 -24.13 -6.60 14.70
CA VAL B 20 -23.20 -5.62 15.26
C VAL B 20 -23.90 -4.24 15.17
N VAL B 21 -24.20 -3.64 16.31
CA VAL B 21 -24.81 -2.31 16.38
C VAL B 21 -23.66 -1.34 16.62
N LEU B 22 -23.62 -0.25 15.84
CA LEU B 22 -22.56 0.74 15.94
C LEU B 22 -23.13 2.13 16.08
N GLU B 23 -22.50 2.93 16.94
CA GLU B 23 -22.85 4.33 17.11
C GLU B 23 -21.84 5.10 16.29
N LEU B 24 -22.30 6.03 15.46
CA LEU B 24 -21.44 6.85 14.62
C LEU B 24 -21.35 8.23 15.24
N LYS B 25 -20.15 8.65 15.63
CA LYS B 25 -19.90 9.95 16.29
C LYS B 25 -20.00 11.11 15.31
N ALA B 26 -21.23 11.46 14.92
CA ALA B 26 -21.54 12.58 14.01
C ALA B 26 -21.27 13.92 14.70
N ASP B 27 -21.20 13.90 16.05
CA ASP B 27 -20.94 15.05 16.90
C ASP B 27 -19.45 15.46 16.88
N VAL B 28 -18.56 14.54 16.49
CA VAL B 28 -17.11 14.75 16.39
C VAL B 28 -16.70 14.78 14.91
N VAL B 29 -17.06 13.74 14.16
CA VAL B 29 -16.73 13.55 12.75
C VAL B 29 -18.00 13.44 11.88
N PRO B 30 -18.74 14.55 11.62
CA PRO B 30 -19.99 14.44 10.85
C PRO B 30 -19.88 13.83 9.45
N LYS B 31 -18.91 14.30 8.64
CA LYS B 31 -18.65 13.86 7.25
C LYS B 31 -18.28 12.37 7.16
N THR B 32 -17.49 11.88 8.13
CA THR B 32 -17.04 10.48 8.21
C THR B 32 -18.24 9.60 8.65
N ALA B 33 -18.96 10.04 9.69
CA ALA B 33 -20.15 9.36 10.18
C ALA B 33 -21.24 9.24 9.08
N GLU B 34 -21.50 10.32 8.32
CA GLU B 34 -22.49 10.39 7.22
C GLU B 34 -22.16 9.44 6.07
N ASN B 35 -20.86 9.34 5.71
CA ASN B 35 -20.41 8.42 4.68
C ASN B 35 -20.76 6.97 5.05
N PHE B 36 -20.39 6.54 6.27
CA PHE B 36 -20.65 5.18 6.75
C PHE B 36 -22.17 4.89 6.91
N ARG B 37 -22.94 5.86 7.42
CA ARG B 37 -24.38 5.74 7.63
C ARG B 37 -25.11 5.54 6.30
N ALA B 38 -24.72 6.30 5.25
CA ALA B 38 -25.36 6.20 3.93
C ALA B 38 -25.02 4.89 3.22
N LEU B 39 -23.81 4.34 3.48
CA LEU B 39 -23.37 3.06 2.91
C LEU B 39 -24.09 1.87 3.60
N CYS B 40 -24.54 2.06 4.86
CA CYS B 40 -25.30 1.05 5.61
C CYS B 40 -26.75 0.97 5.07
N THR B 41 -27.34 2.12 4.74
CA THR B 41 -28.72 2.19 4.22
C THR B 41 -28.77 1.84 2.72
N GLY B 42 -27.74 2.27 1.98
CA GLY B 42 -27.61 2.06 0.54
C GLY B 42 -28.41 3.06 -0.27
N GLU B 43 -28.80 4.18 0.36
CA GLU B 43 -29.62 5.25 -0.20
C GLU B 43 -29.00 5.92 -1.43
N LYS B 44 -27.67 5.93 -1.54
CA LYS B 44 -26.98 6.52 -2.70
C LYS B 44 -26.91 5.55 -3.91
N GLY B 45 -27.44 4.34 -3.73
CA GLY B 45 -27.52 3.30 -4.75
C GLY B 45 -26.46 2.23 -4.66
N PHE B 46 -25.56 2.36 -3.68
CA PHE B 46 -24.46 1.43 -3.40
C PHE B 46 -24.18 1.37 -1.90
N GLY B 47 -23.42 0.35 -1.48
CA GLY B 47 -23.10 0.19 -0.07
C GLY B 47 -22.64 -1.19 0.34
N TYR B 48 -22.56 -1.39 1.66
CA TYR B 48 -22.05 -2.60 2.32
C TYR B 48 -22.91 -3.87 2.17
N LYS B 49 -24.20 -3.76 1.80
CA LYS B 49 -25.05 -4.96 1.67
C LYS B 49 -24.51 -5.94 0.62
N GLY B 50 -24.21 -7.15 1.08
CA GLY B 50 -23.65 -8.21 0.25
C GLY B 50 -22.13 -8.20 0.19
N SER B 51 -21.49 -7.24 0.90
CA SER B 51 -20.03 -7.14 0.94
C SER B 51 -19.43 -8.04 2.04
N THR B 52 -18.08 -8.08 2.15
CA THR B 52 -17.37 -8.99 3.06
C THR B 52 -16.37 -8.32 4.01
N PHE B 53 -15.91 -9.08 5.03
CA PHE B 53 -14.79 -8.74 5.92
C PHE B 53 -13.64 -9.52 5.29
N HIS B 54 -12.87 -8.88 4.41
CA HIS B 54 -11.81 -9.54 3.62
C HIS B 54 -10.50 -9.80 4.36
N ARG B 55 -10.17 -8.97 5.37
CA ARG B 55 -8.93 -9.10 6.15
C ARG B 55 -9.28 -9.09 7.61
N VAL B 56 -9.02 -10.19 8.33
CA VAL B 56 -9.33 -10.33 9.75
C VAL B 56 -8.09 -10.88 10.45
N ILE B 57 -7.51 -10.10 11.38
CA ILE B 57 -6.32 -10.52 12.12
C ILE B 57 -6.64 -10.66 13.61
N PRO B 58 -6.62 -11.90 14.18
CA PRO B 58 -6.91 -12.06 15.62
C PRO B 58 -5.96 -11.25 16.51
N ALA B 59 -6.53 -10.70 17.59
CA ALA B 59 -5.90 -9.82 18.59
C ALA B 59 -5.45 -8.47 17.98
N PHE B 60 -6.18 -8.01 16.93
CA PHE B 60 -5.89 -6.76 16.23
C PHE B 60 -7.19 -6.05 15.73
N MET B 61 -7.79 -6.50 14.60
CA MET B 61 -9.00 -5.91 14.00
C MET B 61 -9.61 -6.77 12.89
N CYS B 62 -10.85 -6.42 12.48
CA CYS B 62 -11.62 -7.04 11.39
C CYS B 62 -11.85 -5.94 10.36
N GLN B 63 -11.39 -6.12 9.12
CA GLN B 63 -11.46 -5.12 8.03
C GLN B 63 -12.46 -5.50 6.93
N ALA B 64 -13.35 -4.55 6.60
CA ALA B 64 -14.44 -4.67 5.62
C ALA B 64 -14.60 -3.32 4.91
N GLY B 65 -15.64 -3.20 4.07
CA GLY B 65 -15.93 -1.96 3.36
C GLY B 65 -15.67 -1.99 1.89
N ASP B 66 -14.94 -2.99 1.39
CA ASP B 66 -14.68 -3.08 -0.04
C ASP B 66 -15.87 -3.73 -0.76
N PHE B 67 -16.85 -2.90 -1.13
CA PHE B 67 -18.06 -3.39 -1.78
C PHE B 67 -17.96 -3.37 -3.32
N THR B 68 -16.81 -2.96 -3.88
CA THR B 68 -16.64 -2.93 -5.33
C THR B 68 -15.84 -4.12 -5.85
N ASN B 69 -14.65 -4.38 -5.25
CA ASN B 69 -13.74 -5.45 -5.64
C ASN B 69 -13.67 -6.61 -4.66
N HIS B 70 -13.93 -6.34 -3.36
CA HIS B 70 -13.99 -7.30 -2.24
C HIS B 70 -12.63 -7.87 -1.80
N ASN B 71 -11.52 -7.16 -2.03
CA ASN B 71 -10.19 -7.67 -1.67
C ASN B 71 -9.19 -6.62 -1.14
N GLY B 72 -9.70 -5.42 -0.84
CA GLY B 72 -8.88 -4.32 -0.33
C GLY B 72 -8.48 -3.30 -1.38
N THR B 73 -8.54 -3.70 -2.65
CA THR B 73 -8.20 -2.84 -3.79
C THR B 73 -9.28 -1.82 -4.15
N GLY B 74 -10.53 -2.08 -3.74
CA GLY B 74 -11.66 -1.23 -4.08
C GLY B 74 -12.31 -0.46 -2.94
N GLY B 75 -13.54 -0.02 -3.20
CA GLY B 75 -14.35 0.77 -2.29
C GLY B 75 -14.40 2.23 -2.73
N LYS B 76 -15.52 2.90 -2.46
CA LYS B 76 -15.72 4.32 -2.76
C LYS B 76 -16.64 4.98 -1.73
N SER B 77 -16.47 6.29 -1.54
CA SER B 77 -17.28 7.07 -0.61
C SER B 77 -18.55 7.60 -1.31
N ILE B 78 -19.47 8.22 -0.53
CA ILE B 78 -20.72 8.80 -1.02
C ILE B 78 -20.48 10.17 -1.68
N TYR B 79 -19.27 10.75 -1.48
CA TYR B 79 -18.84 12.05 -1.99
C TYR B 79 -18.08 11.97 -3.31
N GLY B 80 -17.40 10.86 -3.49
CA GLY B 80 -16.57 10.53 -4.65
C GLY B 80 -15.69 9.34 -4.32
N SER B 81 -14.60 9.15 -5.09
CA SER B 81 -13.69 8.03 -4.87
CA SER B 81 -13.66 8.04 -4.90
C SER B 81 -13.07 8.08 -3.49
N ARG B 82 -12.48 9.24 -3.11
CA ARG B 82 -11.83 9.46 -1.83
C ARG B 82 -12.24 10.78 -1.16
N PHE B 83 -12.10 10.87 0.19
CA PHE B 83 -12.42 12.08 0.93
C PHE B 83 -11.36 12.37 2.03
N PRO B 84 -11.14 13.66 2.42
CA PRO B 84 -10.08 13.97 3.41
C PRO B 84 -10.30 13.42 4.81
N ASP B 85 -9.21 13.38 5.59
CA ASP B 85 -9.21 12.99 7.00
C ASP B 85 -9.86 14.16 7.73
N GLU B 86 -11.04 13.92 8.34
CA GLU B 86 -11.81 14.96 9.01
C GLU B 86 -11.06 15.58 10.18
N ASN B 87 -10.60 14.71 11.10
CA ASN B 87 -9.80 15.00 12.29
C ASN B 87 -9.36 13.69 12.93
N PHE B 88 -8.45 13.79 13.91
CA PHE B 88 -7.96 12.65 14.68
C PHE B 88 -8.28 12.85 16.16
N THR B 89 -9.42 13.50 16.47
CA THR B 89 -9.90 13.79 17.83
C THR B 89 -10.11 12.49 18.61
N LEU B 90 -10.80 11.52 17.99
CA LEU B 90 -11.09 10.23 18.60
C LEU B 90 -9.91 9.27 18.44
N LYS B 91 -9.52 8.60 19.54
CA LYS B 91 -8.38 7.69 19.57
C LYS B 91 -8.80 6.23 19.58
N HIS B 92 -7.86 5.33 19.19
CA HIS B 92 -8.03 3.88 19.16
C HIS B 92 -7.72 3.39 20.60
N VAL B 93 -8.66 3.68 21.52
CA VAL B 93 -8.60 3.47 22.98
C VAL B 93 -8.77 2.00 23.41
N GLY B 94 -9.38 1.17 22.59
CA GLY B 94 -9.58 -0.23 22.93
C GLY B 94 -10.44 -1.05 21.99
N PRO B 95 -10.81 -2.30 22.40
CA PRO B 95 -11.66 -3.14 21.53
C PRO B 95 -13.06 -2.55 21.33
N GLY B 96 -13.54 -2.62 20.10
CA GLY B 96 -14.85 -2.07 19.75
C GLY B 96 -14.77 -0.74 19.00
N VAL B 97 -13.56 -0.19 18.84
CA VAL B 97 -13.32 1.07 18.14
C VAL B 97 -13.60 0.91 16.62
N LEU B 98 -14.38 1.84 16.05
CA LEU B 98 -14.72 1.88 14.64
C LEU B 98 -13.87 3.00 13.97
N SER B 99 -13.03 2.60 13.01
CA SER B 99 -12.10 3.52 12.38
C SER B 99 -11.94 3.25 10.89
N MET B 100 -11.53 4.29 10.16
CA MET B 100 -11.34 4.24 8.72
C MET B 100 -9.99 3.69 8.31
N ALA B 101 -10.05 2.71 7.39
CA ALA B 101 -8.88 2.13 6.75
C ALA B 101 -8.52 3.14 5.65
N ASN B 102 -7.25 3.18 5.18
CA ASN B 102 -6.84 4.13 4.16
C ASN B 102 -5.60 3.71 3.40
N ALA B 103 -5.13 4.52 2.43
CA ALA B 103 -3.90 4.25 1.70
C ALA B 103 -3.01 5.50 1.86
N GLY B 104 -2.95 5.98 3.10
CA GLY B 104 -2.17 7.16 3.47
C GLY B 104 -3.02 8.36 3.79
N PRO B 105 -2.41 9.57 3.99
CA PRO B 105 -3.23 10.76 4.31
C PRO B 105 -4.26 11.15 3.26
N ASN B 106 -5.49 11.48 3.73
CA ASN B 106 -6.63 11.96 2.96
C ASN B 106 -7.06 11.01 1.83
N THR B 107 -7.10 9.69 2.10
CA THR B 107 -7.49 8.67 1.12
C THR B 107 -8.59 7.79 1.71
N ASN B 108 -9.59 8.42 2.33
CA ASN B 108 -10.71 7.68 2.91
C ASN B 108 -11.70 7.37 1.81
N GLY B 109 -12.19 6.13 1.78
CA GLY B 109 -13.18 5.68 0.81
C GLY B 109 -14.38 5.11 1.54
N SER B 110 -14.46 3.77 1.58
CA SER B 110 -15.52 3.04 2.29
C SER B 110 -14.97 1.97 3.24
N GLN B 111 -13.68 1.63 3.14
CA GLN B 111 -13.08 0.61 3.98
C GLN B 111 -12.88 1.07 5.42
N PHE B 112 -13.34 0.23 6.34
CA PHE B 112 -13.32 0.46 7.78
C PHE B 112 -12.83 -0.81 8.47
N PHE B 113 -12.62 -0.70 9.78
CA PHE B 113 -12.20 -1.79 10.66
C PHE B 113 -12.76 -1.62 12.05
N ILE B 114 -13.10 -2.75 12.68
CA ILE B 114 -13.58 -2.81 14.05
C ILE B 114 -12.44 -3.46 14.85
N CYS B 115 -11.85 -2.72 15.79
CA CYS B 115 -10.75 -3.17 16.65
C CYS B 115 -11.19 -4.26 17.60
N THR B 116 -10.25 -5.18 17.88
CA THR B 116 -10.41 -6.27 18.84
C THR B 116 -9.35 -6.10 19.96
N ILE B 117 -8.65 -4.94 19.94
CA ILE B 117 -7.60 -4.53 20.89
C ILE B 117 -7.37 -3.01 20.78
N LYS B 118 -6.67 -2.40 21.76
CA LYS B 118 -6.29 -0.99 21.74
C LYS B 118 -5.23 -0.83 20.63
N THR B 119 -5.61 -0.22 19.49
CA THR B 119 -4.66 -0.04 18.38
C THR B 119 -4.09 1.39 18.37
N ASP B 120 -3.57 1.84 19.54
CA ASP B 120 -3.05 3.21 19.75
C ASP B 120 -1.86 3.60 18.84
N TRP B 121 -1.18 2.63 18.20
CA TRP B 121 -0.12 2.93 17.23
C TRP B 121 -0.72 3.53 15.93
N LEU B 122 -2.06 3.48 15.78
CA LEU B 122 -2.80 4.01 14.63
C LEU B 122 -3.33 5.43 14.83
N ASP B 123 -3.23 5.96 16.07
CA ASP B 123 -3.68 7.31 16.43
C ASP B 123 -2.96 8.38 15.60
N GLY B 124 -3.74 9.27 15.01
CA GLY B 124 -3.22 10.35 14.18
C GLY B 124 -3.03 10.00 12.71
N LYS B 125 -3.25 8.72 12.36
CA LYS B 125 -3.12 8.19 11.00
C LYS B 125 -4.46 7.70 10.44
N HIS B 126 -5.32 7.16 11.33
CA HIS B 126 -6.65 6.66 10.97
C HIS B 126 -7.74 7.43 11.70
N VAL B 127 -8.86 7.72 11.02
CA VAL B 127 -9.99 8.46 11.56
C VAL B 127 -10.97 7.52 12.27
N VAL B 128 -11.03 7.61 13.60
CA VAL B 128 -11.97 6.87 14.46
C VAL B 128 -13.29 7.65 14.34
N PHE B 129 -14.39 6.95 14.01
CA PHE B 129 -15.68 7.63 13.84
C PHE B 129 -16.84 6.98 14.57
N GLY B 130 -16.56 6.01 15.41
CA GLY B 130 -17.58 5.32 16.20
C GLY B 130 -17.09 4.17 17.04
N HIS B 131 -18.04 3.40 17.57
CA HIS B 131 -17.75 2.24 18.42
C HIS B 131 -18.93 1.27 18.46
N VAL B 132 -18.65 0.01 18.86
CA VAL B 132 -19.64 -1.06 19.02
C VAL B 132 -20.51 -0.78 20.24
N ILE B 133 -21.83 -0.71 20.01
CA ILE B 133 -22.85 -0.51 21.04
C ILE B 133 -23.27 -1.89 21.56
N GLU B 134 -23.47 -2.81 20.61
CA GLU B 134 -23.95 -4.16 20.85
C GLU B 134 -23.38 -5.09 19.78
N GLY B 135 -23.17 -6.35 20.16
CA GLY B 135 -22.66 -7.38 19.26
C GLY B 135 -21.15 -7.51 19.20
N MET B 136 -20.46 -7.26 20.33
CA MET B 136 -19.01 -7.42 20.42
C MET B 136 -18.71 -8.93 20.40
N ASP B 137 -19.68 -9.76 20.86
CA ASP B 137 -19.62 -11.22 20.83
C ASP B 137 -19.62 -11.69 19.38
N VAL B 138 -20.32 -10.94 18.49
CA VAL B 138 -20.40 -11.18 17.05
C VAL B 138 -19.06 -10.78 16.40
N VAL B 139 -18.43 -9.68 16.88
CA VAL B 139 -17.12 -9.21 16.41
C VAL B 139 -16.04 -10.25 16.77
N LYS B 140 -16.14 -10.84 17.98
CA LYS B 140 -15.23 -11.90 18.44
C LYS B 140 -15.39 -13.17 17.62
N LYS B 141 -16.62 -13.44 17.11
CA LYS B 141 -16.91 -14.56 16.22
C LYS B 141 -16.21 -14.32 14.88
N ILE B 142 -16.31 -13.10 14.30
CA ILE B 142 -15.64 -12.72 13.06
C ILE B 142 -14.11 -12.87 13.25
N GLU B 143 -13.58 -12.42 14.39
CA GLU B 143 -12.17 -12.51 14.77
C GLU B 143 -11.66 -13.96 14.78
N SER B 144 -12.47 -14.93 15.27
CA SER B 144 -12.12 -16.34 15.32
C SER B 144 -11.94 -16.98 13.93
N PHE B 145 -12.48 -16.32 12.87
CA PHE B 145 -12.34 -16.81 11.50
C PHE B 145 -11.18 -16.15 10.77
N GLY B 146 -10.39 -15.37 11.49
CA GLY B 146 -9.22 -14.70 10.93
C GLY B 146 -7.96 -15.51 11.12
N SER B 147 -6.84 -14.96 10.67
CA SER B 147 -5.51 -15.58 10.78
C SER B 147 -4.45 -14.47 10.81
N LYS B 148 -3.20 -14.84 11.11
CA LYS B 148 -2.03 -13.94 11.19
C LYS B 148 -1.79 -13.15 9.90
N SER B 149 -2.10 -13.76 8.75
CA SER B 149 -1.95 -13.16 7.42
C SER B 149 -3.11 -12.23 7.07
N GLY B 150 -4.26 -12.44 7.70
CA GLY B 150 -5.49 -11.68 7.46
C GLY B 150 -6.54 -12.49 6.74
N LYS B 151 -6.11 -13.54 6.02
CA LYS B 151 -6.93 -14.49 5.27
C LYS B 151 -8.01 -15.07 6.17
N THR B 152 -9.27 -15.11 5.69
CA THR B 152 -10.37 -15.65 6.50
C THR B 152 -10.61 -17.13 6.19
N SER B 153 -10.87 -17.91 7.25
CA SER B 153 -11.12 -19.35 7.18
C SER B 153 -12.53 -19.67 6.70
N LYS B 154 -13.41 -18.64 6.69
CA LYS B 154 -14.81 -18.70 6.23
C LYS B 154 -15.17 -17.40 5.52
N LYS B 155 -16.10 -17.45 4.55
CA LYS B 155 -16.54 -16.24 3.85
C LYS B 155 -17.41 -15.44 4.83
N ILE B 156 -16.89 -14.28 5.30
CA ILE B 156 -17.58 -13.40 6.26
C ILE B 156 -18.34 -12.34 5.46
N VAL B 157 -19.68 -12.50 5.33
CA VAL B 157 -20.52 -11.60 4.54
C VAL B 157 -21.46 -10.71 5.38
N ILE B 158 -21.59 -9.43 5.00
CA ILE B 158 -22.56 -8.49 5.57
C ILE B 158 -23.85 -8.72 4.76
N THR B 159 -24.71 -9.62 5.27
CA THR B 159 -25.96 -10.06 4.63
C THR B 159 -27.04 -8.99 4.59
N ASP B 160 -27.03 -8.10 5.59
CA ASP B 160 -27.92 -6.95 5.71
C ASP B 160 -27.28 -5.90 6.59
N CYS B 161 -27.62 -4.64 6.34
CA CYS B 161 -27.13 -3.47 7.08
C CYS B 161 -28.12 -2.34 6.91
N GLY B 162 -28.09 -1.39 7.84
CA GLY B 162 -28.98 -0.25 7.81
C GLY B 162 -28.90 0.65 9.01
N GLN B 163 -29.88 1.53 9.18
CA GLN B 163 -29.95 2.48 10.28
C GLN B 163 -31.14 2.21 11.18
N LEU B 164 -30.87 2.19 12.49
CA LEU B 164 -31.88 1.98 13.53
C LEU B 164 -32.50 3.27 14.02
N SER B 165 -31.70 4.37 14.05
CA SER B 165 -32.08 5.72 14.52
C SER B 165 -30.97 6.76 14.24
N GLN C 2 1.80 -25.57 -36.21
CA GLN C 2 2.84 -24.53 -36.24
C GLN C 2 3.10 -24.01 -34.83
N ASN C 3 4.39 -23.83 -34.48
CA ASN C 3 4.83 -23.30 -33.19
C ASN C 3 4.39 -21.84 -33.07
N PRO C 4 3.69 -21.45 -31.97
CA PRO C 4 3.25 -20.05 -31.87
C PRO C 4 4.36 -19.00 -31.88
N LEU C 5 4.04 -17.86 -32.51
CA LEU C 5 4.92 -16.70 -32.58
CA LEU C 5 4.92 -16.70 -32.55
C LEU C 5 4.24 -15.60 -31.76
N VAL C 6 4.85 -15.22 -30.65
CA VAL C 6 4.31 -14.21 -29.73
C VAL C 6 5.21 -12.98 -29.63
N TYR C 7 4.66 -11.88 -29.06
CA TYR C 7 5.41 -10.65 -28.89
C TYR C 7 5.24 -10.03 -27.51
N LEU C 8 6.30 -9.32 -27.08
CA LEU C 8 6.34 -8.53 -25.85
C LEU C 8 6.82 -7.14 -26.26
N ASP C 9 6.00 -6.13 -26.00
CA ASP C 9 6.34 -4.73 -26.24
C ASP C 9 6.75 -4.23 -24.87
N VAL C 10 8.00 -3.81 -24.75
CA VAL C 10 8.59 -3.41 -23.48
C VAL C 10 8.97 -1.93 -23.45
N GLY C 11 8.65 -1.28 -22.34
CA GLY C 11 8.98 0.11 -22.07
C GLY C 11 9.71 0.28 -20.76
N ALA C 12 10.54 1.33 -20.65
CA ALA C 12 11.32 1.65 -19.45
C ALA C 12 10.99 3.08 -19.04
N ASP C 13 10.33 3.24 -17.86
CA ASP C 13 9.87 4.53 -17.31
C ASP C 13 8.96 5.28 -18.31
N GLY C 14 8.09 4.53 -18.98
CA GLY C 14 7.14 5.04 -19.97
C GLY C 14 7.72 5.34 -21.34
N GLN C 15 9.00 4.98 -21.57
CA GLN C 15 9.74 5.21 -22.83
C GLN C 15 9.90 3.85 -23.55
N PRO C 16 9.49 3.71 -24.82
CA PRO C 16 9.57 2.39 -25.49
C PRO C 16 10.97 1.87 -25.77
N LEU C 17 11.19 0.56 -25.53
CA LEU C 17 12.46 -0.11 -25.80
C LEU C 17 12.38 -0.91 -27.11
N GLY C 18 11.15 -1.27 -27.50
CA GLY C 18 10.87 -2.02 -28.72
C GLY C 18 10.08 -3.29 -28.48
N ARG C 19 10.19 -4.24 -29.43
CA ARG C 19 9.50 -5.53 -29.40
C ARG C 19 10.41 -6.74 -29.35
N VAL C 20 10.07 -7.69 -28.46
CA VAL C 20 10.71 -8.99 -28.33
C VAL C 20 9.74 -10.03 -28.95
N VAL C 21 10.15 -10.66 -30.06
CA VAL C 21 9.37 -11.71 -30.71
C VAL C 21 9.92 -13.04 -30.18
N LEU C 22 9.03 -13.95 -29.79
CA LEU C 22 9.42 -15.24 -29.24
C LEU C 22 8.70 -16.37 -29.93
N GLU C 23 9.42 -17.46 -30.20
CA GLU C 23 8.85 -18.68 -30.76
C GLU C 23 8.63 -19.60 -29.59
N LEU C 24 7.45 -20.20 -29.49
CA LEU C 24 7.10 -21.12 -28.42
C LEU C 24 7.14 -22.53 -28.96
N LYS C 25 8.03 -23.37 -28.45
CA LYS C 25 8.22 -24.75 -28.89
C LYS C 25 7.07 -25.67 -28.45
N ALA C 26 5.91 -25.53 -29.10
CA ALA C 26 4.72 -26.34 -28.84
C ALA C 26 4.94 -27.79 -29.32
N ASP C 27 5.93 -27.98 -30.20
CA ASP C 27 6.33 -29.27 -30.76
C ASP C 27 7.10 -30.14 -29.75
N VAL C 28 7.69 -29.50 -28.72
CA VAL C 28 8.46 -30.16 -27.67
C VAL C 28 7.68 -30.12 -26.36
N VAL C 29 7.25 -28.91 -25.95
CA VAL C 29 6.53 -28.65 -24.71
C VAL C 29 5.16 -28.01 -24.98
N PRO C 30 4.14 -28.77 -25.48
CA PRO C 30 2.84 -28.13 -25.82
C PRO C 30 2.13 -27.39 -24.68
N LYS C 31 2.02 -28.02 -23.50
CA LYS C 31 1.36 -27.49 -22.30
C LYS C 31 2.02 -26.21 -21.77
N THR C 32 3.37 -26.15 -21.82
CA THR C 32 4.17 -25.01 -21.38
C THR C 32 4.01 -23.85 -22.41
N ALA C 33 4.10 -24.16 -23.71
CA ALA C 33 3.92 -23.18 -24.78
C ALA C 33 2.50 -22.60 -24.83
N GLU C 34 1.48 -23.43 -24.54
CA GLU C 34 0.07 -22.99 -24.52
C GLU C 34 -0.21 -22.03 -23.34
N ASN C 35 0.40 -22.30 -22.17
CA ASN C 35 0.25 -21.45 -21.01
C ASN C 35 0.79 -20.04 -21.32
N PHE C 36 2.02 -19.93 -21.84
CA PHE C 36 2.65 -18.66 -22.17
C PHE C 36 1.92 -17.91 -23.29
N ARG C 37 1.46 -18.64 -24.34
CA ARG C 37 0.75 -18.08 -25.48
C ARG C 37 -0.58 -17.44 -25.05
N ALA C 38 -1.34 -18.13 -24.16
CA ALA C 38 -2.63 -17.63 -23.67
C ALA C 38 -2.46 -16.42 -22.75
N LEU C 39 -1.34 -16.34 -22.01
CA LEU C 39 -1.04 -15.21 -21.12
C LEU C 39 -0.61 -13.97 -21.93
N CYS C 40 -0.06 -14.18 -23.16
CA CYS C 40 0.33 -13.09 -24.06
C CYS C 40 -0.92 -12.46 -24.70
N THR C 41 -1.91 -13.28 -25.06
CA THR C 41 -3.16 -12.81 -25.68
C THR C 41 -4.12 -12.26 -24.63
N GLY C 42 -4.16 -12.89 -23.46
CA GLY C 42 -5.03 -12.50 -22.35
C GLY C 42 -6.44 -13.04 -22.49
N GLU C 43 -6.61 -14.05 -23.36
CA GLU C 43 -7.87 -14.70 -23.70
C GLU C 43 -8.59 -15.35 -22.50
N LYS C 44 -7.82 -15.79 -21.49
CA LYS C 44 -8.39 -16.40 -20.27
C LYS C 44 -8.90 -15.33 -19.27
N GLY C 45 -8.70 -14.05 -19.60
CA GLY C 45 -9.13 -12.91 -18.79
C GLY C 45 -8.05 -12.28 -17.93
N PHE C 46 -6.82 -12.84 -18.02
CA PHE C 46 -5.63 -12.38 -17.30
C PHE C 46 -4.37 -12.63 -18.14
N GLY C 47 -3.27 -12.01 -17.74
CA GLY C 47 -2.01 -12.16 -18.46
C GLY C 47 -0.98 -11.09 -18.22
N TYR C 48 0.07 -11.12 -19.04
CA TYR C 48 1.26 -10.27 -18.97
C TYR C 48 1.04 -8.77 -19.30
N LYS C 49 -0.06 -8.39 -19.98
CA LYS C 49 -0.29 -6.98 -20.34
C LYS C 49 -0.39 -6.08 -19.10
N GLY C 50 0.52 -5.12 -19.05
CA GLY C 50 0.62 -4.16 -17.94
C GLY C 50 1.50 -4.64 -16.81
N SER C 51 2.10 -5.84 -16.93
CA SER C 51 2.97 -6.37 -15.89
C SER C 51 4.43 -5.92 -16.10
N THR C 52 5.35 -6.38 -15.24
CA THR C 52 6.75 -5.93 -15.26
C THR C 52 7.82 -7.04 -15.30
N PHE C 53 9.09 -6.63 -15.58
CA PHE C 53 10.30 -7.43 -15.47
C PHE C 53 10.81 -6.97 -14.12
N HIS C 54 10.39 -7.69 -13.05
CA HIS C 54 10.70 -7.33 -11.66
C HIS C 54 12.14 -7.57 -11.24
N ARG C 55 12.80 -8.63 -11.79
CA ARG C 55 14.16 -9.04 -11.44
C ARG C 55 14.98 -9.13 -12.71
N VAL C 56 16.02 -8.29 -12.85
CA VAL C 56 16.88 -8.26 -14.04
C VAL C 56 18.32 -8.28 -13.56
N ILE C 57 19.07 -9.34 -13.89
CA ILE C 57 20.47 -9.47 -13.49
C ILE C 57 21.38 -9.46 -14.74
N PRO C 58 22.21 -8.40 -14.91
CA PRO C 58 23.13 -8.36 -16.06
C PRO C 58 24.06 -9.58 -16.12
N ALA C 59 24.31 -10.07 -17.36
CA ALA C 59 25.12 -11.24 -17.69
C ALA C 59 24.52 -12.55 -17.18
N PHE C 60 23.17 -12.59 -17.06
CA PHE C 60 22.41 -13.75 -16.57
C PHE C 60 21.03 -13.91 -17.26
N MET C 61 20.01 -13.12 -16.86
CA MET C 61 18.64 -13.22 -17.40
C MET C 61 17.77 -12.05 -16.96
N CYS C 62 16.62 -11.85 -17.62
CA CYS C 62 15.61 -10.85 -17.25
C CYS C 62 14.34 -11.62 -16.94
N GLN C 63 13.85 -11.52 -15.71
CA GLN C 63 12.71 -12.26 -15.18
C GLN C 63 11.44 -11.41 -15.09
N ALA C 64 10.33 -11.98 -15.59
CA ALA C 64 8.98 -11.40 -15.60
C ALA C 64 7.96 -12.52 -15.35
N GLY C 65 6.68 -12.20 -15.53
CA GLY C 65 5.60 -13.16 -15.37
C GLY C 65 4.71 -12.98 -14.17
N ASP C 66 5.20 -12.26 -13.13
CA ASP C 66 4.38 -12.05 -11.93
C ASP C 66 3.39 -10.89 -12.20
N PHE C 67 2.25 -11.20 -12.85
CA PHE C 67 1.24 -10.18 -13.18
C PHE C 67 0.23 -9.92 -12.02
N THR C 68 0.42 -10.59 -10.87
CA THR C 68 -0.47 -10.43 -9.71
C THR C 68 0.17 -9.57 -8.61
N ASN C 69 1.35 -10.00 -8.11
CA ASN C 69 2.08 -9.36 -7.02
C ASN C 69 3.22 -8.44 -7.46
N HIS C 70 3.71 -8.61 -8.71
CA HIS C 70 4.78 -7.82 -9.34
C HIS C 70 6.14 -7.86 -8.59
N ASN C 71 6.42 -8.92 -7.80
CA ASN C 71 7.68 -8.97 -7.03
C ASN C 71 8.32 -10.38 -6.90
N GLY C 72 7.76 -11.36 -7.61
CA GLY C 72 8.23 -12.75 -7.58
C GLY C 72 7.42 -13.69 -6.70
N THR C 73 6.55 -13.14 -5.83
CA THR C 73 5.72 -13.95 -4.92
C THR C 73 4.43 -14.48 -5.57
N GLY C 74 4.01 -13.87 -6.67
CA GLY C 74 2.76 -14.23 -7.34
C GLY C 74 2.83 -14.81 -8.74
N GLY C 75 1.71 -14.67 -9.45
CA GLY C 75 1.48 -15.19 -10.79
C GLY C 75 0.69 -16.48 -10.75
N LYS C 76 0.07 -16.85 -11.86
CA LYS C 76 -0.73 -18.08 -11.98
C LYS C 76 -0.79 -18.55 -13.42
N SER C 77 -0.97 -19.86 -13.61
CA SER C 77 -1.08 -20.46 -14.94
C SER C 77 -2.53 -20.44 -15.44
N ILE C 78 -2.74 -20.83 -16.70
CA ILE C 78 -4.07 -20.89 -17.33
C ILE C 78 -4.84 -22.16 -16.90
N TYR C 79 -4.14 -23.11 -16.26
CA TYR C 79 -4.66 -24.40 -15.78
C TYR C 79 -5.08 -24.38 -14.31
N GLY C 80 -4.43 -23.51 -13.55
CA GLY C 80 -4.62 -23.32 -12.11
C GLY C 80 -3.44 -22.54 -11.55
N SER C 81 -3.22 -22.60 -10.22
CA SER C 81 -2.13 -21.88 -9.57
CA SER C 81 -2.14 -21.90 -9.55
C SER C 81 -0.78 -22.34 -10.10
N ARG C 82 -0.53 -23.67 -10.08
CA ARG C 82 0.70 -24.28 -10.55
C ARG C 82 0.47 -25.49 -11.50
N PHE C 83 1.47 -25.82 -12.35
CA PHE C 83 1.40 -26.97 -13.26
C PHE C 83 2.74 -27.74 -13.30
N PRO C 84 2.74 -29.09 -13.59
CA PRO C 84 3.99 -29.85 -13.57
C PRO C 84 5.01 -29.49 -14.63
N ASP C 85 6.27 -29.93 -14.39
CA ASP C 85 7.38 -29.77 -15.32
C ASP C 85 7.10 -30.76 -16.45
N GLU C 86 6.85 -30.24 -17.66
CA GLU C 86 6.50 -31.05 -18.83
C GLU C 86 7.60 -32.03 -19.21
N ASN C 87 8.83 -31.49 -19.39
CA ASN C 87 10.07 -32.20 -19.71
C ASN C 87 11.23 -31.22 -19.67
N PHE C 88 12.46 -31.76 -19.71
CA PHE C 88 13.69 -30.98 -19.74
C PHE C 88 14.47 -31.28 -21.01
N THR C 89 13.75 -31.60 -22.11
CA THR C 89 14.31 -31.90 -23.43
C THR C 89 15.15 -30.73 -23.95
N LEU C 90 14.60 -29.50 -23.88
CA LEU C 90 15.28 -28.29 -24.32
C LEU C 90 16.23 -27.77 -23.24
N LYS C 91 17.47 -27.43 -23.64
CA LYS C 91 18.51 -26.95 -22.73
C LYS C 91 18.73 -25.45 -22.82
N HIS C 92 19.33 -24.86 -21.77
CA HIS C 92 19.70 -23.45 -21.65
C HIS C 92 21.06 -23.29 -22.38
N VAL C 93 21.01 -23.40 -23.72
CA VAL C 93 22.14 -23.41 -24.67
C VAL C 93 22.84 -22.05 -24.86
N GLY C 94 22.14 -20.95 -24.58
CA GLY C 94 22.75 -19.63 -24.75
C GLY C 94 21.81 -18.45 -24.57
N PRO C 95 22.28 -17.23 -24.96
CA PRO C 95 21.44 -16.03 -24.83
C PRO C 95 20.21 -16.11 -25.73
N GLY C 96 19.06 -15.71 -25.21
CA GLY C 96 17.83 -15.73 -25.96
C GLY C 96 16.89 -16.88 -25.62
N VAL C 97 17.35 -17.80 -24.75
CA VAL C 97 16.59 -18.95 -24.28
C VAL C 97 15.40 -18.49 -23.42
N LEU C 98 14.20 -18.99 -23.72
CA LEU C 98 12.99 -18.64 -22.96
C LEU C 98 12.65 -19.83 -22.06
N SER C 99 12.72 -19.60 -20.76
CA SER C 99 12.52 -20.67 -19.80
C SER C 99 11.62 -20.30 -18.62
N MET C 100 11.07 -21.34 -17.92
CA MET C 100 10.16 -21.15 -16.79
C MET C 100 10.89 -21.02 -15.46
N ALA C 101 10.56 -19.95 -14.72
CA ALA C 101 11.03 -19.70 -13.36
C ALA C 101 10.15 -20.60 -12.49
N ASN C 102 10.61 -20.97 -11.27
CA ASN C 102 9.81 -21.85 -10.40
C ASN C 102 10.21 -21.75 -8.93
N ALA C 103 9.55 -22.50 -8.05
CA ALA C 103 9.89 -22.56 -6.62
C ALA C 103 10.17 -24.02 -6.28
N GLY C 104 10.91 -24.69 -7.17
CA GLY C 104 11.27 -26.10 -7.05
C GLY C 104 10.55 -26.99 -8.06
N PRO C 105 10.70 -28.34 -7.95
CA PRO C 105 10.03 -29.22 -8.94
C PRO C 105 8.51 -29.10 -8.99
N ASN C 106 7.96 -29.08 -10.22
CA ASN C 106 6.53 -29.04 -10.56
C ASN C 106 5.77 -27.84 -9.95
N THR C 107 6.37 -26.64 -9.98
CA THR C 107 5.77 -25.42 -9.44
C THR C 107 5.78 -24.33 -10.48
N ASN C 108 5.39 -24.67 -11.72
CA ASN C 108 5.33 -23.71 -12.81
C ASN C 108 4.04 -22.93 -12.72
N GLY C 109 4.11 -21.62 -12.89
CA GLY C 109 2.94 -20.73 -12.86
C GLY C 109 2.90 -19.89 -14.11
N SER C 110 3.29 -18.62 -13.99
CA SER C 110 3.39 -17.68 -15.11
C SER C 110 4.77 -17.02 -15.23
N GLN C 111 5.60 -17.13 -14.19
CA GLN C 111 6.92 -16.52 -14.17
C GLN C 111 7.91 -17.21 -15.09
N PHE C 112 8.58 -16.40 -15.88
CA PHE C 112 9.53 -16.85 -16.88
C PHE C 112 10.78 -15.98 -16.89
N PHE C 113 11.79 -16.44 -17.66
CA PHE C 113 13.02 -15.73 -17.93
C PHE C 113 13.50 -15.91 -19.36
N ILE C 114 14.14 -14.86 -19.86
CA ILE C 114 14.79 -14.78 -21.16
C ILE C 114 16.24 -14.66 -20.77
N CYS C 115 17.11 -15.50 -21.32
CA CYS C 115 18.52 -15.52 -20.98
C CYS C 115 19.36 -14.49 -21.73
N THR C 116 20.42 -14.01 -21.05
CA THR C 116 21.40 -13.09 -21.64
C THR C 116 22.78 -13.79 -21.66
N ILE C 117 22.79 -15.10 -21.32
CA ILE C 117 23.96 -15.98 -21.28
C ILE C 117 23.53 -17.45 -21.28
N LYS C 118 24.46 -18.39 -21.56
CA LYS C 118 24.21 -19.83 -21.50
C LYS C 118 24.04 -20.19 -20.01
N THR C 119 22.81 -20.48 -19.57
CA THR C 119 22.54 -20.79 -18.17
C THR C 119 22.43 -22.31 -17.97
N ASP C 120 23.41 -23.09 -18.48
CA ASP C 120 23.45 -24.55 -18.46
C ASP C 120 23.42 -25.18 -17.04
N TRP C 121 23.71 -24.42 -15.97
CA TRP C 121 23.58 -24.90 -14.59
C TRP C 121 22.10 -25.08 -14.21
N LEU C 122 21.17 -24.55 -15.05
CA LEU C 122 19.72 -24.64 -14.83
C LEU C 122 19.06 -25.82 -15.56
N ASP C 123 19.82 -26.53 -16.42
CA ASP C 123 19.36 -27.69 -17.18
C ASP C 123 18.86 -28.81 -16.24
N GLY C 124 17.66 -29.29 -16.50
CA GLY C 124 17.04 -30.35 -15.70
C GLY C 124 16.25 -29.86 -14.51
N LYS C 125 16.29 -28.53 -14.25
CA LYS C 125 15.58 -27.88 -13.13
C LYS C 125 14.51 -26.91 -13.62
N HIS C 126 14.77 -26.24 -14.77
CA HIS C 126 13.84 -25.30 -15.37
C HIS C 126 13.44 -25.75 -16.76
N VAL C 127 12.15 -25.55 -17.12
CA VAL C 127 11.59 -25.95 -18.42
C VAL C 127 11.79 -24.86 -19.47
N VAL C 128 12.66 -25.13 -20.45
CA VAL C 128 12.91 -24.26 -21.59
C VAL C 128 11.75 -24.52 -22.56
N PHE C 129 11.08 -23.45 -23.03
CA PHE C 129 9.92 -23.62 -23.90
C PHE C 129 9.92 -22.74 -25.15
N GLY C 130 11.01 -22.04 -25.38
CA GLY C 130 11.15 -21.17 -26.54
C GLY C 130 12.45 -20.41 -26.63
N HIS C 131 12.51 -19.46 -27.55
CA HIS C 131 13.67 -18.63 -27.79
C HIS C 131 13.30 -17.34 -28.52
N VAL C 132 14.19 -16.33 -28.44
CA VAL C 132 14.04 -15.02 -29.08
C VAL C 132 14.25 -15.17 -30.58
N ILE C 133 13.25 -14.75 -31.35
CA ILE C 133 13.25 -14.76 -32.82
C ILE C 133 13.81 -13.41 -33.29
N GLU C 134 13.35 -12.35 -32.61
CA GLU C 134 13.68 -10.97 -32.92
C GLU C 134 13.62 -10.13 -31.65
N GLY C 135 14.45 -9.10 -31.57
CA GLY C 135 14.48 -8.16 -30.45
C GLY C 135 15.40 -8.52 -29.31
N MET C 136 16.55 -9.17 -29.61
CA MET C 136 17.57 -9.50 -28.62
C MET C 136 18.24 -8.19 -28.17
N ASP C 137 18.28 -7.18 -29.06
CA ASP C 137 18.77 -5.82 -28.80
C ASP C 137 17.88 -5.15 -27.74
N VAL C 138 16.57 -5.49 -27.74
CA VAL C 138 15.56 -5.02 -26.79
C VAL C 138 15.80 -5.72 -25.44
N VAL C 139 16.15 -7.02 -25.45
CA VAL C 139 16.48 -7.82 -24.26
C VAL C 139 17.74 -7.22 -23.60
N LYS C 140 18.75 -6.82 -24.41
CA LYS C 140 19.99 -6.20 -23.95
C LYS C 140 19.73 -4.83 -23.32
N LYS C 141 18.69 -4.11 -23.80
CA LYS C 141 18.24 -2.83 -23.25
C LYS C 141 17.64 -3.07 -21.87
N ILE C 142 16.77 -4.10 -21.72
CA ILE C 142 16.17 -4.48 -20.43
C ILE C 142 17.30 -4.84 -19.44
N GLU C 143 18.31 -5.60 -19.92
CA GLU C 143 19.50 -6.03 -19.17
C GLU C 143 20.30 -4.85 -18.59
N SER C 144 20.42 -3.75 -19.37
CA SER C 144 21.14 -2.53 -18.96
C SER C 144 20.45 -1.79 -17.79
N PHE C 145 19.16 -2.09 -17.53
CA PHE C 145 18.43 -1.49 -16.42
C PHE C 145 18.41 -2.38 -15.17
N GLY C 146 19.16 -3.47 -15.23
CA GLY C 146 19.28 -4.41 -14.13
C GLY C 146 20.45 -4.10 -13.23
N SER C 147 20.63 -4.93 -12.19
CA SER C 147 21.71 -4.84 -11.23
C SER C 147 22.01 -6.23 -10.68
N LYS C 148 23.13 -6.39 -9.93
CA LYS C 148 23.58 -7.64 -9.33
C LYS C 148 22.54 -8.26 -8.38
N SER C 149 21.73 -7.41 -7.71
CA SER C 149 20.67 -7.81 -6.78
C SER C 149 19.39 -8.23 -7.50
N GLY C 150 19.22 -7.72 -8.73
CA GLY C 150 18.04 -7.97 -9.54
C GLY C 150 17.16 -6.75 -9.68
N LYS C 151 17.26 -5.82 -8.71
CA LYS C 151 16.54 -4.54 -8.63
C LYS C 151 16.73 -3.76 -9.93
N THR C 152 15.63 -3.23 -10.49
CA THR C 152 15.71 -2.48 -11.74
C THR C 152 15.84 -0.98 -11.49
N SER C 153 16.69 -0.31 -12.29
CA SER C 153 16.95 1.13 -12.21
C SER C 153 15.80 1.95 -12.81
N LYS C 154 14.93 1.29 -13.60
CA LYS C 154 13.75 1.86 -14.26
C LYS C 154 12.60 0.85 -14.22
N LYS C 155 11.35 1.34 -14.20
CA LYS C 155 10.20 0.44 -14.23
C LYS C 155 10.09 -0.16 -15.65
N ILE C 156 10.37 -1.47 -15.76
CA ILE C 156 10.35 -2.21 -17.04
C ILE C 156 8.96 -2.84 -17.18
N VAL C 157 8.10 -2.24 -18.03
CA VAL C 157 6.71 -2.69 -18.19
C VAL C 157 6.45 -3.34 -19.57
N ILE C 158 5.68 -4.44 -19.57
CA ILE C 158 5.20 -5.09 -20.79
C ILE C 158 3.89 -4.33 -21.12
N THR C 159 4.02 -3.28 -21.96
CA THR C 159 2.94 -2.35 -22.35
C THR C 159 1.88 -3.01 -23.22
N ASP C 160 2.30 -3.98 -24.03
CA ASP C 160 1.45 -4.78 -24.90
C ASP C 160 2.13 -6.10 -25.19
N CYS C 161 1.32 -7.13 -25.42
CA CYS C 161 1.77 -8.48 -25.74
C CYS C 161 0.64 -9.20 -26.48
N GLY C 162 1.00 -10.21 -27.24
CA GLY C 162 0.03 -10.98 -28.00
C GLY C 162 0.63 -12.02 -28.91
N GLN C 163 -0.17 -12.53 -29.84
CA GLN C 163 0.24 -13.57 -30.78
C GLN C 163 0.23 -13.05 -32.21
N LEU C 164 1.32 -13.33 -32.92
CA LEU C 164 1.49 -12.94 -34.32
C LEU C 164 1.01 -14.02 -35.30
N SER C 165 1.14 -15.31 -34.91
CA SER C 165 0.78 -16.51 -35.69
C SER C 165 0.92 -17.80 -34.86
N GLN D 2 31.76 5.15 27.79
CA GLN D 2 31.46 4.74 26.42
C GLN D 2 30.45 3.59 26.42
N ASN D 3 29.45 3.66 25.52
CA ASN D 3 28.42 2.63 25.36
C ASN D 3 29.07 1.34 24.85
N PRO D 4 28.85 0.18 25.49
CA PRO D 4 29.50 -1.05 25.01
C PRO D 4 29.12 -1.47 23.59
N LEU D 5 30.13 -2.02 22.90
CA LEU D 5 29.99 -2.57 21.55
CA LEU D 5 29.97 -2.59 21.56
C LEU D 5 30.18 -4.08 21.67
N VAL D 6 29.13 -4.84 21.41
CA VAL D 6 29.14 -6.30 21.53
C VAL D 6 28.88 -7.00 20.20
N TYR D 7 29.18 -8.30 20.13
CA TYR D 7 28.98 -9.10 18.92
C TYR D 7 28.28 -10.43 19.17
N LEU D 8 27.53 -10.88 18.15
CA LEU D 8 26.88 -12.17 18.10
C LEU D 8 27.30 -12.80 16.77
N ASP D 9 27.95 -13.96 16.83
CA ASP D 9 28.34 -14.73 15.67
C ASP D 9 27.28 -15.79 15.57
N VAL D 10 26.52 -15.78 14.47
CA VAL D 10 25.38 -16.67 14.28
C VAL D 10 25.58 -17.64 13.12
N GLY D 11 25.19 -18.88 13.35
CA GLY D 11 25.22 -19.97 12.38
C GLY D 11 23.87 -20.63 12.24
N ALA D 12 23.61 -21.21 11.06
CA ALA D 12 22.37 -21.93 10.75
C ALA D 12 22.72 -23.35 10.29
N ASP D 13 22.35 -24.37 11.10
CA ASP D 13 22.64 -25.78 10.87
C ASP D 13 24.17 -26.04 10.69
N GLY D 14 24.96 -25.34 11.53
CA GLY D 14 26.43 -25.42 11.54
C GLY D 14 27.13 -24.66 10.43
N GLN D 15 26.38 -23.85 9.64
CA GLN D 15 26.88 -23.03 8.52
C GLN D 15 26.86 -21.55 8.95
N PRO D 16 27.99 -20.81 8.85
CA PRO D 16 28.00 -19.41 9.34
C PRO D 16 27.14 -18.43 8.56
N LEU D 17 26.43 -17.54 9.28
CA LEU D 17 25.62 -16.49 8.68
C LEU D 17 26.35 -15.14 8.75
N GLY D 18 27.28 -15.03 9.70
CA GLY D 18 28.09 -13.83 9.91
C GLY D 18 28.03 -13.28 11.32
N ARG D 19 28.33 -11.98 11.47
CA ARG D 19 28.35 -11.27 12.74
C ARG D 19 27.35 -10.12 12.85
N VAL D 20 26.65 -10.06 14.00
CA VAL D 20 25.75 -8.98 14.37
C VAL D 20 26.47 -8.15 15.45
N VAL D 21 26.80 -6.89 15.14
CA VAL D 21 27.42 -5.98 16.09
C VAL D 21 26.28 -5.14 16.69
N LEU D 22 26.28 -5.00 18.01
CA LEU D 22 25.24 -4.24 18.71
C LEU D 22 25.83 -3.22 19.65
N GLU D 23 25.23 -2.03 19.68
CA GLU D 23 25.61 -0.98 20.61
C GLU D 23 24.61 -1.06 21.75
N LEU D 24 25.11 -1.06 22.99
CA LEU D 24 24.26 -1.12 24.17
C LEU D 24 24.20 0.25 24.79
N LYS D 25 23.00 0.83 24.86
CA LYS D 25 22.77 2.18 25.39
C LYS D 25 22.90 2.23 26.90
N ALA D 26 24.14 2.15 27.42
CA ALA D 26 24.45 2.21 28.85
C ALA D 26 24.19 3.63 29.38
N ASP D 27 24.14 4.62 28.47
CA ASP D 27 23.89 6.03 28.77
C ASP D 27 22.41 6.30 29.11
N VAL D 28 21.50 5.40 28.68
CA VAL D 28 20.06 5.49 28.91
C VAL D 28 19.63 4.42 29.90
N VAL D 29 19.98 3.16 29.61
CA VAL D 29 19.64 1.99 30.43
C VAL D 29 20.89 1.24 30.92
N PRO D 30 21.65 1.79 31.93
CA PRO D 30 22.89 1.12 32.36
C PRO D 30 22.77 -0.33 32.84
N LYS D 31 21.79 -0.61 33.70
CA LYS D 31 21.52 -1.93 34.30
C LYS D 31 21.13 -2.99 33.25
N THR D 32 20.35 -2.58 32.24
CA THR D 32 19.89 -3.43 31.14
C THR D 32 21.07 -3.73 30.19
N ALA D 33 21.86 -2.69 29.84
CA ALA D 33 23.04 -2.84 28.97
C ALA D 33 24.15 -3.69 29.64
N GLU D 34 24.33 -3.54 30.97
CA GLU D 34 25.33 -4.31 31.72
C GLU D 34 24.96 -5.80 31.77
N ASN D 35 23.67 -6.11 31.92
CA ASN D 35 23.20 -7.49 31.93
C ASN D 35 23.53 -8.18 30.59
N PHE D 36 23.16 -7.54 29.46
CA PHE D 36 23.40 -8.07 28.13
C PHE D 36 24.88 -8.19 27.79
N ARG D 37 25.68 -7.17 28.18
CA ARG D 37 27.13 -7.12 27.93
C ARG D 37 27.85 -8.25 28.66
N ALA D 38 27.48 -8.53 29.93
CA ALA D 38 28.09 -9.59 30.73
C ALA D 38 27.73 -10.99 30.21
N LEU D 39 26.51 -11.14 29.64
CA LEU D 39 26.06 -12.41 29.07
C LEU D 39 26.74 -12.69 27.71
N CYS D 40 27.19 -11.63 27.01
CA CYS D 40 27.96 -11.76 25.75
C CYS D 40 29.38 -12.23 26.03
N THR D 41 30.01 -11.72 27.10
CA THR D 41 31.37 -12.10 27.48
C THR D 41 31.41 -13.44 28.22
N GLY D 42 30.40 -13.71 29.02
CA GLY D 42 30.27 -14.93 29.82
C GLY D 42 31.07 -14.89 31.11
N GLU D 43 31.49 -13.67 31.52
CA GLU D 43 32.32 -13.39 32.68
C GLU D 43 31.70 -13.85 34.02
N LYS D 44 30.35 -13.91 34.10
CA LYS D 44 29.66 -14.36 35.32
C LYS D 44 29.59 -15.90 35.40
N GLY D 45 30.09 -16.58 34.37
CA GLY D 45 30.16 -18.05 34.29
C GLY D 45 29.06 -18.69 33.45
N PHE D 46 28.19 -17.85 32.87
CA PHE D 46 27.08 -18.26 32.00
C PHE D 46 26.81 -17.15 30.95
N GLY D 47 26.04 -17.50 29.93
CA GLY D 47 25.72 -16.56 28.87
C GLY D 47 25.24 -17.15 27.58
N TYR D 48 25.16 -16.30 26.56
CA TYR D 48 24.63 -16.60 25.23
C TYR D 48 25.46 -17.57 24.37
N LYS D 49 26.76 -17.80 24.68
CA LYS D 49 27.60 -18.69 23.87
C LYS D 49 27.05 -20.12 23.85
N GLY D 50 26.75 -20.60 22.64
CA GLY D 50 26.20 -21.92 22.41
C GLY D 50 24.69 -21.97 22.48
N SER D 51 24.03 -20.81 22.74
CA SER D 51 22.57 -20.76 22.79
C SER D 51 21.94 -20.52 21.41
N THR D 52 20.61 -20.39 21.34
CA THR D 52 19.89 -20.29 20.08
C THR D 52 18.88 -19.11 19.97
N PHE D 53 18.41 -18.86 18.72
CA PHE D 53 17.31 -17.96 18.38
C PHE D 53 16.17 -18.95 18.23
N HIS D 54 15.42 -19.19 19.33
CA HIS D 54 14.35 -20.18 19.42
C HIS D 54 13.04 -19.81 18.72
N ARG D 55 12.73 -18.50 18.63
CA ARG D 55 11.50 -17.98 18.04
C ARG D 55 11.87 -16.90 17.05
N VAL D 56 11.59 -17.11 15.76
CA VAL D 56 11.90 -16.15 14.70
C VAL D 56 10.64 -15.96 13.86
N ILE D 57 10.09 -14.73 13.85
CA ILE D 57 8.89 -14.44 13.07
C ILE D 57 9.20 -13.42 11.98
N PRO D 58 9.14 -13.83 10.67
CA PRO D 58 9.41 -12.88 9.59
C PRO D 58 8.50 -11.65 9.63
N ALA D 59 9.05 -10.47 9.30
CA ALA D 59 8.42 -9.15 9.28
C ALA D 59 8.02 -8.69 10.70
N PHE D 60 8.76 -9.15 11.73
CA PHE D 60 8.50 -8.82 13.13
C PHE D 60 9.80 -8.72 13.96
N MET D 61 10.36 -9.87 14.37
CA MET D 61 11.57 -9.94 15.18
C MET D 61 12.20 -11.33 15.19
N CYS D 62 13.41 -11.42 15.76
CA CYS D 62 14.17 -12.65 15.98
C CYS D 62 14.43 -12.64 17.48
N GLN D 63 13.98 -13.70 18.19
CA GLN D 63 14.08 -13.82 19.65
C GLN D 63 15.07 -14.91 20.08
N ALA D 64 15.96 -14.55 21.01
CA ALA D 64 16.98 -15.42 21.62
C ALA D 64 17.14 -15.04 23.11
N GLY D 65 18.10 -15.64 23.78
CA GLY D 65 18.38 -15.34 25.18
C GLY D 65 18.07 -16.45 26.16
N ASP D 66 17.33 -17.48 25.73
CA ASP D 66 17.04 -18.61 26.64
C ASP D 66 18.21 -19.61 26.57
N PHE D 67 19.29 -19.33 27.31
CA PHE D 67 20.49 -20.16 27.30
C PHE D 67 20.40 -21.37 28.26
N THR D 68 19.27 -21.53 28.98
CA THR D 68 19.08 -22.64 29.92
C THR D 68 18.14 -23.72 29.37
N ASN D 69 16.92 -23.33 28.96
CA ASN D 69 15.88 -24.21 28.44
C ASN D 69 15.78 -24.26 26.90
N HIS D 70 16.28 -23.20 26.21
CA HIS D 70 16.32 -23.03 24.74
C HIS D 70 14.93 -23.07 24.06
N ASN D 71 13.84 -22.65 24.77
CA ASN D 71 12.48 -22.68 24.21
C ASN D 71 11.57 -21.51 24.62
N GLY D 72 12.09 -20.60 25.44
CA GLY D 72 11.36 -19.44 25.94
C GLY D 72 10.92 -19.56 27.39
N THR D 73 10.98 -20.77 27.95
CA THR D 73 10.58 -21.01 29.35
C THR D 73 11.68 -20.62 30.36
N GLY D 74 12.92 -20.44 29.89
CA GLY D 74 14.04 -20.16 30.79
C GLY D 74 14.85 -18.91 30.57
N GLY D 75 16.10 -18.96 31.06
CA GLY D 75 17.07 -17.86 31.01
C GLY D 75 17.13 -17.14 32.34
N LYS D 76 18.22 -16.42 32.60
CA LYS D 76 18.41 -15.68 33.86
C LYS D 76 19.33 -14.51 33.66
N SER D 77 19.18 -13.49 34.51
CA SER D 77 20.00 -12.28 34.47
C SER D 77 21.27 -12.46 35.31
N ILE D 78 22.20 -11.49 35.25
CA ILE D 78 23.46 -11.48 36.00
C ILE D 78 23.24 -11.06 37.47
N TYR D 79 22.04 -10.52 37.76
CA TYR D 79 21.63 -10.02 39.08
C TYR D 79 20.87 -11.05 39.91
N GLY D 80 20.17 -11.94 39.20
CA GLY D 80 19.34 -13.02 39.73
C GLY D 80 18.45 -13.54 38.64
N SER D 81 17.34 -14.22 39.00
CA SER D 81 16.40 -14.78 38.03
CA SER D 81 16.38 -14.79 38.05
C SER D 81 15.79 -13.70 37.15
N ARG D 82 15.20 -12.65 37.77
CA ARG D 82 14.58 -11.52 37.09
C ARG D 82 15.02 -10.15 37.65
N PHE D 83 14.85 -9.08 36.83
CA PHE D 83 15.20 -7.71 37.22
C PHE D 83 14.15 -6.70 36.74
N PRO D 84 13.95 -5.55 37.44
CA PRO D 84 12.90 -4.60 37.01
C PRO D 84 13.13 -3.92 35.68
N ASP D 85 12.04 -3.35 35.13
CA ASP D 85 12.04 -2.56 33.91
C ASP D 85 12.71 -1.24 34.29
N GLU D 86 13.90 -0.98 33.71
CA GLU D 86 14.71 0.20 34.02
C GLU D 86 13.99 1.50 33.70
N ASN D 87 13.51 1.60 32.45
CA ASN D 87 12.74 2.71 31.88
C ASN D 87 12.28 2.31 30.49
N PHE D 88 11.38 3.12 29.91
CA PHE D 88 10.88 2.94 28.55
C PHE D 88 11.21 4.18 27.71
N THR D 89 12.35 4.83 28.00
CA THR D 89 12.82 6.04 27.32
C THR D 89 13.04 5.77 25.83
N LEU D 90 13.72 4.66 25.51
CA LEU D 90 13.99 4.25 24.14
C LEU D 90 12.78 3.52 23.53
N LYS D 91 12.39 3.90 22.31
CA LYS D 91 11.24 3.35 21.60
C LYS D 91 11.63 2.37 20.51
N HIS D 92 10.69 1.49 20.12
CA HIS D 92 10.81 0.50 19.05
C HIS D 92 10.51 1.25 17.73
N VAL D 93 11.45 2.12 17.33
CA VAL D 93 11.40 3.05 16.19
C VAL D 93 11.54 2.38 14.80
N GLY D 94 12.13 1.19 14.74
CA GLY D 94 12.29 0.52 13.46
C GLY D 94 13.12 -0.74 13.48
N PRO D 95 13.49 -1.27 12.27
CA PRO D 95 14.30 -2.49 12.21
C PRO D 95 15.69 -2.28 12.80
N GLY D 96 16.17 -3.25 13.57
CA GLY D 96 17.49 -3.15 14.18
C GLY D 96 17.46 -2.80 15.65
N VAL D 97 16.25 -2.54 16.19
CA VAL D 97 16.02 -2.22 17.60
C VAL D 97 16.30 -3.45 18.47
N LEU D 98 17.11 -3.27 19.53
CA LEU D 98 17.44 -4.33 20.48
C LEU D 98 16.59 -4.12 21.75
N SER D 99 15.70 -5.07 22.02
CA SER D 99 14.77 -4.94 23.12
C SER D 99 14.60 -6.23 23.97
N MET D 100 14.22 -6.05 25.25
CA MET D 100 14.04 -7.14 26.19
C MET D 100 12.66 -7.81 26.07
N ALA D 101 12.67 -9.14 25.94
CA ALA D 101 11.48 -9.98 25.96
C ALA D 101 11.13 -10.11 27.45
N ASN D 102 9.87 -10.43 27.79
CA ASN D 102 9.48 -10.55 29.21
C ASN D 102 8.22 -11.39 29.40
N ALA D 103 7.78 -11.58 30.65
CA ALA D 103 6.53 -12.28 30.94
C ALA D 103 5.64 -11.31 31.77
N GLY D 104 5.62 -10.06 31.33
CA GLY D 104 4.86 -8.99 31.97
C GLY D 104 5.75 -7.95 32.65
N PRO D 105 5.18 -6.97 33.38
CA PRO D 105 6.01 -5.95 34.04
C PRO D 105 7.05 -6.50 35.03
N ASN D 106 8.27 -5.95 34.96
CA ASN D 106 9.43 -6.23 35.82
C ASN D 106 9.85 -7.71 35.86
N THR D 107 9.86 -8.38 34.70
CA THR D 107 10.23 -9.79 34.58
C THR D 107 11.31 -9.94 33.53
N ASN D 108 12.32 -9.07 33.57
CA ASN D 108 13.44 -9.15 32.62
C ASN D 108 14.44 -10.18 33.12
N GLY D 109 14.93 -11.00 32.21
CA GLY D 109 15.91 -12.04 32.54
C GLY D 109 17.09 -11.92 31.61
N SER D 110 17.15 -12.80 30.59
CA SER D 110 18.19 -12.79 29.55
C SER D 110 17.61 -12.81 28.14
N GLN D 111 16.29 -13.08 27.99
CA GLN D 111 15.66 -13.13 26.69
C GLN D 111 15.47 -11.77 26.08
N PHE D 112 15.96 -11.63 24.86
CA PHE D 112 15.92 -10.41 24.09
C PHE D 112 15.40 -10.70 22.70
N PHE D 113 15.18 -9.64 21.95
CA PHE D 113 14.81 -9.70 20.55
C PHE D 113 15.46 -8.54 19.78
N ILE D 114 15.71 -8.78 18.49
CA ILE D 114 16.22 -7.80 17.52
C ILE D 114 15.07 -7.66 16.52
N CYS D 115 14.64 -6.42 16.26
CA CYS D 115 13.53 -6.12 15.36
C CYS D 115 13.88 -6.16 13.90
N THR D 116 12.89 -6.59 13.09
CA THR D 116 12.98 -6.59 11.62
C THR D 116 11.92 -5.63 11.05
N ILE D 117 11.25 -4.87 11.96
CA ILE D 117 10.21 -3.88 11.67
C ILE D 117 10.03 -2.93 12.86
N LYS D 118 9.33 -1.78 12.67
CA LYS D 118 8.99 -0.84 13.73
C LYS D 118 7.93 -1.52 14.61
N THR D 119 8.32 -1.96 15.83
CA THR D 119 7.36 -2.64 16.71
C THR D 119 6.81 -1.68 17.78
N ASP D 120 6.33 -0.50 17.35
CA ASP D 120 5.83 0.58 18.22
C ASP D 120 4.64 0.20 19.15
N TRP D 121 3.94 -0.92 18.87
CA TRP D 121 2.88 -1.41 19.76
C TRP D 121 3.48 -1.99 21.06
N LEU D 122 4.83 -2.16 21.10
CA LEU D 122 5.56 -2.69 22.25
C LEU D 122 6.12 -1.60 23.16
N ASP D 123 6.04 -0.33 22.74
CA ASP D 123 6.52 0.84 23.49
C ASP D 123 5.80 0.94 24.86
N GLY D 124 6.59 1.04 25.92
CA GLY D 124 6.06 1.14 27.26
C GLY D 124 5.87 -0.18 27.97
N LYS D 125 6.06 -1.29 27.23
CA LYS D 125 5.90 -2.66 27.75
C LYS D 125 7.24 -3.42 27.75
N HIS D 126 8.11 -3.15 26.77
CA HIS D 126 9.42 -3.77 26.62
C HIS D 126 10.53 -2.75 26.66
N VAL D 127 11.65 -3.08 27.32
CA VAL D 127 12.81 -2.20 27.49
C VAL D 127 13.78 -2.30 26.31
N VAL D 128 13.83 -1.23 25.49
CA VAL D 128 14.77 -1.10 24.37
C VAL D 128 16.11 -0.69 25.01
N PHE D 129 17.19 -1.41 24.68
CA PHE D 129 18.50 -1.12 25.30
C PHE D 129 19.66 -1.01 24.33
N GLY D 130 19.37 -1.05 23.03
CA GLY D 130 20.38 -0.93 22.00
C GLY D 130 19.85 -1.07 20.59
N HIS D 131 20.79 -1.17 19.64
CA HIS D 131 20.49 -1.28 18.23
C HIS D 131 21.64 -1.92 17.45
N VAL D 132 21.34 -2.45 16.25
CA VAL D 132 22.29 -3.07 15.33
C VAL D 132 23.19 -1.98 14.73
N ILE D 133 24.52 -2.14 14.92
CA ILE D 133 25.55 -1.26 14.37
C ILE D 133 25.94 -1.79 12.99
N GLU D 134 26.09 -3.12 12.93
CA GLU D 134 26.55 -3.85 11.76
C GLU D 134 25.94 -5.25 11.78
N GLY D 135 25.69 -5.79 10.58
CA GLY D 135 25.16 -7.14 10.42
C GLY D 135 23.66 -7.26 10.38
N MET D 136 22.96 -6.24 9.84
CA MET D 136 21.51 -6.26 9.67
C MET D 136 21.17 -7.29 8.57
N ASP D 137 22.12 -7.50 7.63
CA ASP D 137 22.03 -8.49 6.55
C ASP D 137 22.04 -9.90 7.16
N VAL D 138 22.75 -10.06 8.29
CA VAL D 138 22.85 -11.31 9.07
C VAL D 138 21.52 -11.51 9.82
N VAL D 139 20.91 -10.42 10.33
CA VAL D 139 19.60 -10.45 11.00
C VAL D 139 18.51 -10.88 9.99
N LYS D 140 18.60 -10.37 8.74
CA LYS D 140 17.67 -10.72 7.65
C LYS D 140 17.83 -12.20 7.25
N LYS D 141 19.05 -12.76 7.38
CA LYS D 141 19.33 -14.17 7.13
C LYS D 141 18.64 -15.02 8.21
N ILE D 142 18.77 -14.62 9.50
CA ILE D 142 18.10 -15.30 10.63
C ILE D 142 16.58 -15.27 10.39
N GLU D 143 16.05 -14.11 9.96
CA GLU D 143 14.63 -13.88 9.65
C GLU D 143 14.10 -14.83 8.57
N SER D 144 14.91 -15.13 7.54
CA SER D 144 14.56 -16.06 6.46
C SER D 144 14.38 -17.51 6.91
N PHE D 145 14.91 -17.86 8.10
CA PHE D 145 14.77 -19.21 8.67
C PHE D 145 13.61 -19.31 9.65
N GLY D 146 12.85 -18.23 9.77
CA GLY D 146 11.68 -18.16 10.64
C GLY D 146 10.40 -18.54 9.95
N SER D 147 9.29 -18.49 10.68
CA SER D 147 7.95 -18.80 10.19
C SER D 147 6.93 -18.01 11.02
N LYS D 148 5.66 -17.98 10.57
CA LYS D 148 4.54 -17.29 11.23
C LYS D 148 4.32 -17.75 12.68
N SER D 149 4.60 -19.05 12.97
CA SER D 149 4.48 -19.66 14.29
C SER D 149 5.67 -19.33 15.21
N GLY D 150 6.81 -18.99 14.61
CA GLY D 150 8.04 -18.71 15.32
C GLY D 150 9.09 -19.79 15.15
N LYS D 151 8.63 -21.02 14.86
CA LYS D 151 9.42 -22.22 14.63
C LYS D 151 10.48 -21.96 13.57
N THR D 152 11.73 -22.36 13.83
CA THR D 152 12.82 -22.14 12.89
C THR D 152 13.03 -23.36 11.99
N SER D 153 13.28 -23.11 10.68
CA SER D 153 13.52 -24.14 9.66
C SER D 153 14.93 -24.73 9.77
N LYS D 154 15.82 -24.04 10.52
CA LYS D 154 17.21 -24.44 10.77
C LYS D 154 17.59 -24.08 12.21
N LYS D 155 18.50 -24.83 12.83
CA LYS D 155 18.96 -24.51 14.18
C LYS D 155 19.85 -23.26 14.10
N ILE D 156 19.35 -22.13 14.64
CA ILE D 156 20.04 -20.84 14.64
C ILE D 156 20.81 -20.71 15.95
N VAL D 157 22.14 -20.91 15.90
CA VAL D 157 23.00 -20.92 17.09
C VAL D 157 23.95 -19.72 17.16
N ILE D 158 24.10 -19.15 18.38
CA ILE D 158 25.07 -18.11 18.67
C ILE D 158 26.36 -18.87 19.02
N THR D 159 27.21 -19.11 18.00
CA THR D 159 28.46 -19.89 18.06
C THR D 159 29.53 -19.22 18.90
N ASP D 160 29.54 -17.89 18.90
CA ASP D 160 30.46 -17.05 19.67
C ASP D 160 29.82 -15.68 19.88
N CYS D 161 30.17 -15.04 20.97
CA CYS D 161 29.70 -13.72 21.35
C CYS D 161 30.71 -13.10 22.32
N GLY D 162 30.71 -11.78 22.40
CA GLY D 162 31.63 -11.06 23.27
C GLY D 162 31.56 -9.56 23.13
N GLN D 163 32.57 -8.88 23.67
CA GLN D 163 32.66 -7.41 23.64
C GLN D 163 33.84 -6.94 22.81
N LEU D 164 33.57 -5.97 21.94
CA LEU D 164 34.57 -5.35 21.07
C LEU D 164 35.22 -4.12 21.70
N SER D 165 34.46 -3.37 22.53
CA SER D 165 34.87 -2.13 23.22
C SER D 165 33.78 -1.63 24.21
N VAL E 9 -16.22 37.53 -23.63
CA VAL E 9 -17.34 37.17 -22.77
C VAL E 9 -18.65 37.45 -23.55
N ALA E 11 -23.18 37.34 -24.09
CA ALA E 11 -24.41 37.41 -23.32
C ALA E 11 -24.90 35.99 -23.10
N VAL F 9 -0.99 -3.39 1.03
CA VAL F 9 -1.03 -3.99 2.36
C VAL F 9 0.43 -4.21 2.83
N ALA F 11 3.57 -5.18 5.99
CA ALA F 11 3.78 -6.05 7.12
C ALA F 11 3.49 -5.26 8.38
N VAL G 9 14.57 -16.23 -3.19
CA VAL G 9 15.74 -16.08 -4.05
C VAL G 9 16.96 -16.64 -3.28
N ALA G 11 21.45 -17.80 -3.19
CA ALA G 11 22.74 -17.36 -3.71
C ALA G 11 23.03 -18.18 -4.97
N VAL H 9 3.01 -17.46 25.29
CA VAL H 9 2.98 -16.76 24.01
C VAL H 9 1.51 -16.40 23.69
N ALA H 11 -1.72 -14.17 21.10
CA ALA H 11 -2.07 -13.77 19.74
C ALA H 11 -1.58 -12.34 19.52
#